data_3COR
#
_entry.id   3COR
#
_cell.length_a   89.210
_cell.length_b   102.440
_cell.length_c   163.440
_cell.angle_alpha   90.00
_cell.angle_beta   90.00
_cell.angle_gamma   90.00
#
_symmetry.space_group_name_H-M   'I 2 2 2'
#
loop_
_entity.id
_entity.type
_entity.pdbx_description
1 polymer 'Peptidoglycan recognition protein'
2 non-polymer 2-acetamido-2-deoxy-beta-D-galactopyranose
3 non-polymer 'L(+)-TARTARIC ACID'
#
_entity_poly.entity_id   1
_entity_poly.type   'polypeptide(L)'
_entity_poly.pdbx_seq_one_letter_code
;EDPPACGSIVPRREWRALASECRERLTRPVRYVVVSHTAGSHCDTPASCAQQAQNVQSYHVRNLGWCDVGYNFLIGEDGL
VYEGRGWNIKGAHAGPTWNPISIGISFMGNYMNRVPPPRALRAAQNLLACGVALGALRSNYEVKGHRDVQPTLSPGDRLY
EIIQTWSHYRA
;
_entity_poly.pdbx_strand_id   A,B,C,D
#
# COMPACT_ATOMS: atom_id res chain seq x y z
N GLU A 1 -6.90 -12.36 15.97
CA GLU A 1 -6.55 -11.26 16.93
C GLU A 1 -6.61 -9.82 16.36
N ASP A 2 -6.06 -9.65 15.16
CA ASP A 2 -5.84 -8.32 14.58
C ASP A 2 -6.72 -7.58 13.52
N PRO A 3 -8.07 -7.60 13.61
CA PRO A 3 -8.90 -6.88 12.58
C PRO A 3 -9.22 -5.35 12.75
N PRO A 4 -8.34 -4.39 12.28
CA PRO A 4 -8.68 -2.94 12.46
C PRO A 4 -10.16 -2.52 12.16
N ALA A 5 -10.68 -2.99 11.01
CA ALA A 5 -12.04 -2.70 10.51
C ALA A 5 -12.07 -3.14 9.03
N CYS A 6 -13.03 -4.00 8.67
CA CYS A 6 -13.04 -4.73 7.37
C CYS A 6 -13.71 -4.16 6.11
N GLY A 7 -14.86 -4.77 5.78
CA GLY A 7 -15.67 -4.40 4.60
C GLY A 7 -16.98 -5.17 4.61
N SER A 8 -17.93 -4.79 3.75
CA SER A 8 -19.25 -5.44 3.70
C SER A 8 -19.50 -6.34 2.48
N ILE A 9 -19.51 -7.64 2.77
CA ILE A 9 -19.62 -8.71 1.79
C ILE A 9 -20.94 -9.50 1.84
N VAL A 10 -21.58 -9.67 0.70
CA VAL A 10 -22.82 -10.46 0.64
C VAL A 10 -22.39 -11.92 0.77
N PRO A 11 -22.71 -12.56 1.91
CA PRO A 11 -22.33 -13.96 2.14
C PRO A 11 -23.08 -14.91 1.21
N ARG A 12 -22.55 -16.11 1.04
CA ARG A 12 -23.10 -17.08 0.09
C ARG A 12 -24.58 -17.42 0.21
N ARG A 13 -25.07 -17.45 1.44
CA ARG A 13 -26.45 -17.84 1.73
C ARG A 13 -27.42 -16.91 1.06
N GLU A 14 -27.13 -15.63 1.22
CA GLU A 14 -27.95 -14.54 0.73
C GLU A 14 -28.05 -14.55 -0.77
N TRP A 15 -27.00 -15.01 -1.47
CA TRP A 15 -27.13 -15.08 -2.91
C TRP A 15 -27.54 -16.49 -3.30
N ARG A 16 -27.66 -17.36 -2.30
CA ARG A 16 -28.17 -18.71 -2.51
C ARG A 16 -27.26 -19.63 -3.31
N ALA A 17 -26.02 -19.64 -2.88
CA ALA A 17 -24.98 -20.42 -3.50
C ALA A 17 -25.09 -21.91 -3.19
N LEU A 18 -24.80 -22.74 -4.17
CA LEU A 18 -24.76 -24.17 -3.93
C LEU A 18 -23.62 -24.38 -2.94
N ALA A 19 -23.67 -25.46 -2.16
CA ALA A 19 -22.63 -25.75 -1.16
C ALA A 19 -21.24 -25.93 -1.81
N SER A 20 -20.19 -25.32 -1.24
CA SER A 20 -18.85 -25.47 -1.80
C SER A 20 -18.36 -26.86 -1.51
N GLU A 21 -17.64 -27.45 -2.43
CA GLU A 21 -17.06 -28.76 -2.13
C GLU A 21 -15.53 -28.61 -2.26
N CYS A 22 -14.96 -27.43 -2.01
CA CYS A 22 -13.50 -27.30 -2.11
C CYS A 22 -12.86 -27.54 -0.76
N ARG A 23 -11.62 -28.03 -0.78
CA ARG A 23 -10.89 -28.29 0.46
C ARG A 23 -9.44 -27.78 0.48
N GLU A 24 -8.86 -27.50 -0.70
CA GLU A 24 -7.50 -26.95 -0.80
C GLU A 24 -7.46 -25.56 -0.13
N ARG A 25 -6.64 -25.38 0.90
CA ARG A 25 -6.56 -24.08 1.58
C ARG A 25 -5.40 -23.19 1.04
N LEU A 26 -5.66 -21.90 0.82
CA LEU A 26 -4.61 -20.94 0.37
C LEU A 26 -3.75 -20.62 1.59
N THR A 27 -2.42 -20.61 1.44
CA THR A 27 -1.60 -20.32 2.62
C THR A 27 -1.57 -18.82 2.92
N ARG A 28 -1.95 -18.43 4.15
CA ARG A 28 -2.02 -17.01 4.65
C ARG A 28 -0.68 -16.38 5.03
N PRO A 29 -0.47 -15.10 4.72
CA PRO A 29 -1.02 -14.10 3.79
C PRO A 29 -0.85 -14.47 2.38
N VAL A 30 -1.59 -13.80 1.50
CA VAL A 30 -1.49 -14.01 0.07
C VAL A 30 -0.78 -12.76 -0.39
N ARG A 31 -0.07 -12.85 -1.51
CA ARG A 31 0.68 -11.71 -1.97
C ARG A 31 0.11 -11.18 -3.26
N TYR A 32 -0.58 -12.01 -4.00
CA TYR A 32 -1.08 -11.54 -5.28
C TYR A 32 -2.55 -11.53 -5.46
N VAL A 33 -3.03 -10.39 -5.92
CA VAL A 33 -4.43 -10.23 -6.20
C VAL A 33 -4.60 -10.15 -7.71
N VAL A 34 -5.38 -11.07 -8.27
CA VAL A 34 -5.59 -11.05 -9.71
C VAL A 34 -7.01 -10.57 -10.07
N VAL A 35 -7.06 -9.47 -10.83
CA VAL A 35 -8.33 -8.84 -11.28
C VAL A 35 -8.78 -9.33 -12.66
N SER A 36 -10.04 -9.75 -12.75
CA SER A 36 -10.58 -10.29 -14.01
C SER A 36 -12.05 -9.92 -14.21
N HIS A 37 -12.58 -10.24 -15.40
CA HIS A 37 -14.00 -10.04 -15.67
C HIS A 37 -14.64 -11.40 -16.04
N THR A 38 -15.92 -11.55 -15.71
CA THR A 38 -16.66 -12.78 -15.99
C THR A 38 -17.07 -12.84 -17.46
N ALA A 39 -16.97 -11.68 -18.11
CA ALA A 39 -17.33 -11.49 -19.51
C ALA A 39 -18.71 -12.05 -19.82
N GLY A 40 -19.63 -11.85 -18.87
CA GLY A 40 -21.01 -12.26 -19.01
C GLY A 40 -21.90 -11.05 -18.83
N SER A 41 -23.16 -11.24 -18.47
CA SER A 41 -24.06 -10.10 -18.33
C SER A 41 -23.72 -9.22 -17.12
N HIS A 42 -23.95 -7.90 -17.17
CA HIS A 42 -23.73 -7.10 -15.97
C HIS A 42 -25.06 -6.97 -15.17
N CYS A 43 -25.05 -6.29 -14.01
CA CYS A 43 -26.30 -6.08 -13.20
C CYS A 43 -26.08 -4.91 -12.27
N ASP A 44 -27.12 -4.10 -12.04
CA ASP A 44 -26.96 -3.00 -11.10
C ASP A 44 -27.98 -3.04 -9.97
N THR A 45 -28.74 -4.12 -9.84
CA THR A 45 -29.59 -4.14 -8.69
C THR A 45 -29.07 -5.24 -7.83
N PRO A 46 -29.22 -5.09 -6.51
CA PRO A 46 -28.73 -6.15 -5.65
C PRO A 46 -29.45 -7.47 -5.94
N ALA A 47 -30.65 -7.38 -6.50
CA ALA A 47 -31.45 -8.57 -6.79
C ALA A 47 -31.00 -9.33 -8.00
N SER A 48 -30.56 -8.60 -9.01
CA SER A 48 -30.17 -9.24 -10.24
C SER A 48 -28.78 -9.84 -10.13
N CYS A 49 -27.97 -9.14 -9.36
CA CYS A 49 -26.60 -9.51 -9.14
C CYS A 49 -26.49 -10.73 -8.28
N ALA A 50 -27.48 -10.96 -7.44
CA ALA A 50 -27.47 -12.16 -6.62
C ALA A 50 -27.80 -13.28 -7.63
N GLN A 51 -28.64 -12.96 -8.61
CA GLN A 51 -28.94 -13.95 -9.64
C GLN A 51 -27.67 -14.23 -10.44
N GLN A 52 -27.09 -13.19 -11.07
CA GLN A 52 -25.82 -13.31 -11.84
C GLN A 52 -24.75 -14.08 -11.11
N ALA A 53 -24.74 -13.91 -9.80
CA ALA A 53 -23.81 -14.63 -8.98
C ALA A 53 -24.09 -16.10 -9.18
N GLN A 54 -25.34 -16.53 -9.03
CA GLN A 54 -25.63 -17.97 -9.18
C GLN A 54 -25.27 -18.55 -10.54
N ASN A 55 -25.41 -17.71 -11.57
CA ASN A 55 -25.12 -18.08 -12.94
C ASN A 55 -23.65 -18.41 -13.11
N VAL A 56 -22.78 -17.49 -12.73
CA VAL A 56 -21.37 -17.77 -12.85
C VAL A 56 -21.07 -19.04 -12.05
N GLN A 57 -21.55 -19.12 -10.80
CA GLN A 57 -21.27 -20.30 -9.96
C GLN A 57 -21.67 -21.63 -10.58
N SER A 58 -22.84 -21.67 -11.23
CA SER A 58 -23.34 -22.93 -11.76
C SER A 58 -22.81 -23.37 -13.09
N TYR A 59 -22.40 -22.42 -13.90
CA TYR A 59 -21.84 -22.78 -15.17
C TYR A 59 -20.49 -23.39 -14.82
N HIS A 60 -19.86 -22.87 -13.77
CA HIS A 60 -18.57 -23.39 -13.28
C HIS A 60 -18.76 -24.71 -12.51
N VAL A 61 -19.92 -24.94 -11.91
CA VAL A 61 -20.10 -26.19 -11.15
C VAL A 61 -20.72 -27.33 -11.95
N ARG A 62 -21.83 -27.04 -12.64
CA ARG A 62 -22.54 -28.05 -13.39
C ARG A 62 -21.98 -28.34 -14.79
N ASN A 63 -21.22 -27.39 -15.33
CA ASN A 63 -20.61 -27.58 -16.64
C ASN A 63 -19.10 -27.82 -16.66
N LEU A 64 -18.37 -27.08 -15.84
CA LEU A 64 -16.94 -27.30 -15.75
C LEU A 64 -16.64 -28.28 -14.59
N GLY A 65 -17.68 -28.82 -13.98
CA GLY A 65 -17.47 -29.72 -12.85
C GLY A 65 -16.43 -29.29 -11.81
N TRP A 66 -16.22 -27.98 -11.59
CA TRP A 66 -15.28 -27.52 -10.54
C TRP A 66 -15.98 -27.57 -9.19
N CYS A 67 -15.21 -27.59 -8.09
CA CYS A 67 -15.75 -27.68 -6.74
C CYS A 67 -16.59 -26.48 -6.29
N ASP A 68 -16.45 -25.35 -6.99
CA ASP A 68 -17.13 -24.08 -6.65
C ASP A 68 -16.83 -23.00 -7.70
N VAL A 69 -17.48 -21.85 -7.56
CA VAL A 69 -17.29 -20.70 -8.46
C VAL A 69 -15.77 -20.52 -8.46
N GLY A 70 -15.21 -20.11 -9.59
CA GLY A 70 -13.77 -20.00 -9.68
C GLY A 70 -13.15 -18.90 -8.87
N TYR A 71 -13.86 -17.79 -8.75
CA TYR A 71 -13.31 -16.63 -8.07
C TYR A 71 -13.43 -16.65 -6.55
N ASN A 72 -12.60 -15.83 -5.90
CA ASN A 72 -12.65 -15.74 -4.45
C ASN A 72 -13.78 -14.79 -4.07
N PHE A 73 -13.87 -13.69 -4.80
CA PHE A 73 -14.96 -12.75 -4.60
C PHE A 73 -15.38 -12.27 -6.00
N LEU A 74 -16.63 -11.82 -6.06
CA LEU A 74 -17.30 -11.34 -7.26
C LEU A 74 -17.68 -9.91 -6.99
N ILE A 75 -17.60 -9.07 -8.01
CA ILE A 75 -17.91 -7.68 -7.75
C ILE A 75 -19.07 -7.23 -8.57
N GLY A 76 -20.09 -6.68 -7.93
CA GLY A 76 -21.22 -6.18 -8.71
C GLY A 76 -21.21 -4.70 -9.07
N GLU A 77 -21.97 -4.36 -10.11
CA GLU A 77 -22.10 -2.96 -10.51
C GLU A 77 -23.08 -2.34 -9.57
N ASP A 78 -23.68 -3.17 -8.71
CA ASP A 78 -24.64 -2.65 -7.76
C ASP A 78 -23.87 -1.98 -6.66
N GLY A 79 -22.56 -2.18 -6.69
CA GLY A 79 -21.72 -1.62 -5.68
C GLY A 79 -21.40 -2.60 -4.55
N LEU A 80 -21.80 -3.88 -4.69
CA LEU A 80 -21.56 -4.88 -3.64
C LEU A 80 -20.61 -6.02 -3.96
N VAL A 81 -19.92 -6.52 -2.92
CA VAL A 81 -19.02 -7.64 -3.07
C VAL A 81 -19.75 -8.91 -2.65
N TYR A 82 -19.66 -9.90 -3.52
CA TYR A 82 -20.31 -11.19 -3.36
C TYR A 82 -19.26 -12.22 -2.97
N GLU A 83 -19.59 -13.05 -1.99
CA GLU A 83 -18.62 -14.03 -1.57
C GLU A 83 -18.61 -15.30 -2.41
N GLY A 84 -17.44 -15.57 -2.98
CA GLY A 84 -17.20 -16.75 -3.78
C GLY A 84 -16.45 -17.74 -2.89
N ARG A 85 -15.19 -18.03 -3.21
CA ARG A 85 -14.46 -18.98 -2.38
C ARG A 85 -13.90 -18.34 -1.08
N GLY A 86 -13.88 -17.01 -1.04
CA GLY A 86 -13.41 -16.32 0.16
C GLY A 86 -11.90 -16.26 0.27
N TRP A 87 -11.42 -15.74 1.40
CA TRP A 87 -10.00 -15.59 1.72
C TRP A 87 -9.16 -16.87 1.98
N ASN A 88 -9.80 -18.00 2.28
CA ASN A 88 -9.07 -19.23 2.65
C ASN A 88 -8.88 -20.42 1.74
N ILE A 89 -9.62 -20.47 0.64
CA ILE A 89 -9.56 -21.59 -0.28
C ILE A 89 -8.97 -21.22 -1.65
N LYS A 90 -8.08 -22.07 -2.15
CA LYS A 90 -7.49 -21.90 -3.46
C LYS A 90 -8.70 -21.92 -4.37
N GLY A 91 -8.73 -21.09 -5.41
CA GLY A 91 -9.88 -21.12 -6.28
C GLY A 91 -9.46 -20.86 -7.71
N ALA A 92 -9.67 -21.84 -8.60
CA ALA A 92 -9.35 -21.83 -10.04
C ALA A 92 -9.66 -20.55 -10.81
N HIS A 93 -8.66 -19.79 -11.18
CA HIS A 93 -8.93 -18.58 -11.93
C HIS A 93 -7.79 -18.04 -12.82
N ALA A 94 -6.56 -18.54 -12.65
CA ALA A 94 -5.44 -18.06 -13.51
C ALA A 94 -4.27 -19.03 -13.84
N GLY A 95 -4.52 -20.34 -13.85
CA GLY A 95 -3.44 -21.28 -14.19
C GLY A 95 -2.85 -21.85 -12.92
N PRO A 96 -2.34 -23.08 -12.96
CA PRO A 96 -1.78 -23.69 -11.75
C PRO A 96 -0.53 -23.05 -11.18
N THR A 97 0.05 -22.14 -11.94
CA THR A 97 1.26 -21.49 -11.50
C THR A 97 0.93 -20.27 -10.61
N TRP A 98 -0.28 -19.71 -10.81
CA TRP A 98 -0.83 -18.53 -10.09
C TRP A 98 -2.00 -18.81 -9.10
N ASN A 99 -2.78 -19.85 -9.36
CA ASN A 99 -3.88 -20.19 -8.48
C ASN A 99 -3.48 -20.43 -7.02
N PRO A 100 -2.28 -20.96 -6.76
CA PRO A 100 -2.06 -21.14 -5.32
C PRO A 100 -1.41 -19.99 -4.56
N ILE A 101 -1.16 -18.86 -5.23
CA ILE A 101 -0.47 -17.76 -4.58
C ILE A 101 -1.12 -16.39 -4.78
N SER A 102 -2.35 -16.40 -5.26
CA SER A 102 -3.09 -15.17 -5.50
C SER A 102 -4.53 -15.32 -5.11
N ILE A 103 -5.18 -14.19 -4.85
CA ILE A 103 -6.60 -14.12 -4.53
C ILE A 103 -7.17 -13.57 -5.82
N GLY A 104 -8.27 -14.18 -6.29
CA GLY A 104 -8.88 -13.75 -7.54
C GLY A 104 -10.24 -13.08 -7.40
N ILE A 105 -10.35 -11.81 -7.80
CA ILE A 105 -11.61 -11.11 -7.69
C ILE A 105 -12.03 -10.82 -9.13
N SER A 106 -13.33 -10.74 -9.37
CA SER A 106 -13.80 -10.57 -10.73
C SER A 106 -15.03 -9.72 -10.90
N PHE A 107 -14.88 -8.59 -11.58
CA PHE A 107 -16.03 -7.74 -11.83
C PHE A 107 -17.00 -8.51 -12.72
N MET A 108 -18.27 -8.50 -12.35
CA MET A 108 -19.24 -9.25 -13.14
C MET A 108 -19.74 -8.52 -14.38
N GLY A 109 -19.09 -8.84 -15.51
CA GLY A 109 -19.45 -8.25 -16.79
C GLY A 109 -18.32 -8.24 -17.82
N ASN A 110 -18.61 -7.77 -19.03
CA ASN A 110 -17.59 -7.69 -20.08
C ASN A 110 -17.14 -6.26 -20.27
N TYR A 111 -16.08 -5.92 -19.56
CA TYR A 111 -15.54 -4.57 -19.59
C TYR A 111 -14.52 -4.35 -20.69
N MET A 112 -14.73 -4.99 -21.84
CA MET A 112 -13.84 -4.79 -22.96
C MET A 112 -14.05 -3.32 -23.33
N ASN A 113 -15.31 -2.94 -23.54
CA ASN A 113 -15.59 -1.53 -23.74
C ASN A 113 -15.97 -0.98 -22.36
N ARG A 114 -17.24 -0.68 -22.07
CA ARG A 114 -17.69 -0.16 -20.73
C ARG A 114 -16.77 -0.17 -19.50
N VAL A 115 -16.67 0.96 -18.80
CA VAL A 115 -15.88 0.99 -17.57
C VAL A 115 -16.83 0.62 -16.45
N PRO A 116 -16.33 -0.05 -15.40
CA PRO A 116 -17.33 -0.35 -14.37
C PRO A 116 -17.56 0.99 -13.61
N PRO A 117 -18.74 1.17 -13.00
CA PRO A 117 -19.12 2.37 -12.25
C PRO A 117 -18.28 2.62 -11.03
N PRO A 118 -18.03 3.89 -10.70
CA PRO A 118 -17.22 4.19 -9.52
C PRO A 118 -17.48 3.30 -8.28
N ARG A 119 -18.73 2.96 -7.99
CA ARG A 119 -19.01 2.18 -6.80
C ARG A 119 -18.51 0.76 -6.80
N ALA A 120 -18.21 0.26 -8.00
CA ALA A 120 -17.74 -1.09 -8.13
C ALA A 120 -16.25 -1.07 -7.87
N LEU A 121 -15.64 0.04 -8.25
CA LEU A 121 -14.21 0.19 -8.06
C LEU A 121 -13.99 0.35 -6.56
N ARG A 122 -14.88 1.11 -5.91
CA ARG A 122 -14.80 1.30 -4.45
C ARG A 122 -15.06 -0.03 -3.76
N ALA A 123 -16.05 -0.75 -4.26
CA ALA A 123 -16.39 -2.02 -3.66
C ALA A 123 -15.19 -2.93 -3.59
N ALA A 124 -14.38 -2.92 -4.64
CA ALA A 124 -13.21 -3.80 -4.72
C ALA A 124 -12.00 -3.31 -3.95
N GLN A 125 -11.79 -2.00 -3.94
CA GLN A 125 -10.64 -1.46 -3.23
C GLN A 125 -10.83 -1.68 -1.75
N ASN A 126 -12.03 -1.36 -1.29
CA ASN A 126 -12.40 -1.53 0.10
C ASN A 126 -12.23 -3.02 0.37
N LEU A 127 -12.57 -3.88 -0.59
CA LEU A 127 -12.44 -5.32 -0.33
C LEU A 127 -10.99 -5.73 -0.03
N LEU A 128 -10.03 -5.20 -0.78
CA LEU A 128 -8.64 -5.51 -0.52
C LEU A 128 -8.18 -4.91 0.82
N ALA A 129 -8.64 -3.71 1.10
CA ALA A 129 -8.27 -3.10 2.36
C ALA A 129 -8.79 -4.04 3.46
N CYS A 130 -9.99 -4.60 3.29
CA CYS A 130 -10.45 -5.53 4.31
C CYS A 130 -9.43 -6.68 4.35
N GLY A 131 -9.07 -7.23 3.21
CA GLY A 131 -8.08 -8.30 3.19
C GLY A 131 -6.86 -8.05 4.06
N VAL A 132 -6.25 -6.86 3.91
CA VAL A 132 -5.06 -6.52 4.72
C VAL A 132 -5.42 -6.53 6.20
N ALA A 133 -6.42 -5.75 6.58
CA ALA A 133 -6.86 -5.70 7.97
C ALA A 133 -7.16 -7.11 8.53
N LEU A 134 -7.82 -7.98 7.77
CA LEU A 134 -8.11 -9.32 8.27
C LEU A 134 -6.83 -10.15 8.41
N GLY A 135 -5.81 -9.74 7.67
CA GLY A 135 -4.53 -10.41 7.71
C GLY A 135 -4.48 -11.45 6.61
N ALA A 136 -5.54 -11.51 5.84
CA ALA A 136 -5.61 -12.49 4.77
C ALA A 136 -4.71 -12.07 3.60
N LEU A 137 -4.54 -10.76 3.37
CA LEU A 137 -3.61 -10.21 2.37
C LEU A 137 -2.47 -9.56 3.13
N ARG A 138 -1.32 -9.29 2.47
CA ARG A 138 -0.21 -8.61 3.13
C ARG A 138 -0.16 -7.14 2.71
N SER A 139 0.38 -6.26 3.54
CA SER A 139 0.38 -4.82 3.21
C SER A 139 1.06 -4.63 1.87
N ASN A 140 2.06 -5.47 1.68
CA ASN A 140 2.83 -5.58 0.48
C ASN A 140 2.03 -5.80 -0.81
N TYR A 141 0.85 -6.42 -0.68
CA TYR A 141 0.11 -6.91 -1.86
C TYR A 141 0.28 -6.28 -3.23
N GLU A 142 0.26 -7.15 -4.21
CA GLU A 142 0.41 -6.73 -5.57
C GLU A 142 -0.84 -7.12 -6.34
N VAL A 143 -1.44 -6.14 -7.03
CA VAL A 143 -2.62 -6.37 -7.87
C VAL A 143 -2.07 -6.61 -9.26
N LYS A 144 -2.62 -7.60 -9.95
CA LYS A 144 -2.15 -7.95 -11.28
C LYS A 144 -3.36 -8.17 -12.17
N GLY A 145 -3.24 -7.84 -13.45
CA GLY A 145 -4.33 -8.05 -14.41
C GLY A 145 -4.43 -9.54 -14.76
N HIS A 146 -5.59 -10.03 -15.21
CA HIS A 146 -5.71 -11.46 -15.54
C HIS A 146 -4.81 -11.68 -16.71
N ARG A 147 -4.82 -10.70 -17.61
CA ARG A 147 -4.01 -10.77 -18.79
C ARG A 147 -2.48 -10.73 -18.52
N ASP A 148 -2.06 -10.17 -17.40
CA ASP A 148 -0.62 -10.14 -17.15
C ASP A 148 -0.04 -11.50 -16.84
N VAL A 149 -0.86 -12.37 -16.28
CA VAL A 149 -0.43 -13.69 -15.87
C VAL A 149 -0.82 -14.81 -16.80
N GLN A 150 -1.80 -14.57 -17.66
CA GLN A 150 -2.09 -15.56 -18.68
C GLN A 150 -2.69 -14.94 -19.94
N PRO A 151 -2.38 -15.54 -21.09
CA PRO A 151 -2.84 -15.07 -22.41
C PRO A 151 -4.33 -14.90 -22.57
N THR A 152 -4.88 -13.73 -22.23
CA THR A 152 -6.32 -13.44 -22.38
C THR A 152 -6.61 -11.93 -22.40
N LEU A 153 -7.83 -11.53 -22.80
CA LEU A 153 -8.16 -10.10 -22.81
C LEU A 153 -8.75 -9.72 -21.45
N SER A 154 -8.97 -10.76 -20.64
CA SER A 154 -9.68 -10.73 -19.34
C SER A 154 -9.99 -9.59 -18.38
N PRO A 155 -9.08 -8.62 -18.13
CA PRO A 155 -9.70 -7.68 -17.18
C PRO A 155 -10.72 -6.83 -17.94
N GLY A 156 -10.38 -6.57 -19.21
CA GLY A 156 -11.20 -5.76 -20.11
C GLY A 156 -10.29 -4.61 -20.50
N ASP A 157 -10.20 -4.27 -21.78
CA ASP A 157 -9.30 -3.17 -22.16
C ASP A 157 -9.55 -1.95 -21.29
N ARG A 158 -10.81 -1.57 -21.12
CA ARG A 158 -11.11 -0.37 -20.33
C ARG A 158 -11.01 -0.53 -18.82
N LEU A 159 -11.22 -1.73 -18.28
CA LEU A 159 -11.09 -1.94 -16.84
C LEU A 159 -9.61 -2.13 -16.49
N TYR A 160 -8.89 -2.84 -17.35
CA TYR A 160 -7.46 -3.09 -17.19
C TYR A 160 -6.79 -1.74 -17.07
N GLU A 161 -7.18 -0.87 -17.99
CA GLU A 161 -6.63 0.45 -18.06
C GLU A 161 -6.82 1.21 -16.74
N ILE A 162 -7.93 0.95 -16.04
CA ILE A 162 -8.19 1.62 -14.75
C ILE A 162 -7.30 1.06 -13.65
N ILE A 163 -7.23 -0.26 -13.56
CA ILE A 163 -6.46 -0.88 -12.51
C ILE A 163 -5.00 -0.59 -12.65
N GLN A 164 -4.59 -0.02 -13.78
CA GLN A 164 -3.17 0.28 -13.90
C GLN A 164 -2.85 1.44 -12.98
N THR A 165 -3.79 2.35 -12.76
CA THR A 165 -3.53 3.47 -11.87
C THR A 165 -3.44 3.12 -10.40
N TRP A 166 -4.17 2.10 -9.98
CA TRP A 166 -4.19 1.72 -8.55
C TRP A 166 -2.83 1.63 -7.82
N SER A 167 -2.81 2.19 -6.62
CA SER A 167 -1.68 2.19 -5.69
C SER A 167 -0.73 0.97 -5.70
N HIS A 168 -1.30 -0.24 -5.68
CA HIS A 168 -0.54 -1.50 -5.57
C HIS A 168 -0.22 -2.30 -6.86
N TYR A 169 -0.44 -1.76 -8.05
CA TYR A 169 -0.23 -2.55 -9.29
C TYR A 169 1.20 -2.79 -9.78
N ARG A 170 1.72 -4.02 -9.74
CA ARG A 170 3.08 -4.16 -10.23
C ARG A 170 3.20 -4.89 -11.56
N ALA A 171 4.11 -4.39 -12.42
CA ALA A 171 4.34 -4.92 -13.78
C ALA A 171 3.43 -6.11 -14.12
N GLU B 1 -10.89 7.97 -2.35
CA GLU B 1 -9.95 7.91 -1.19
C GLU B 1 -10.49 8.71 0.05
N ASP B 2 -11.15 8.02 0.99
CA ASP B 2 -11.66 8.67 2.23
C ASP B 2 -10.96 7.97 3.45
N PRO B 3 -9.62 7.96 3.48
CA PRO B 3 -8.59 7.36 4.37
C PRO B 3 -8.95 5.83 4.70
N PRO B 4 -7.94 4.90 4.62
CA PRO B 4 -8.01 3.43 4.85
C PRO B 4 -9.23 2.71 5.45
N ALA B 5 -9.60 1.58 4.83
CA ALA B 5 -10.68 0.69 5.28
C ALA B 5 -12.09 1.29 5.48
N CYS B 6 -12.41 2.33 4.70
CA CYS B 6 -13.72 2.95 4.80
C CYS B 6 -14.79 2.40 3.91
N GLY B 7 -15.42 1.37 4.48
CA GLY B 7 -16.47 0.55 3.90
C GLY B 7 -17.40 0.89 2.75
N SER B 8 -16.91 1.54 1.68
CA SER B 8 -17.76 1.89 0.53
C SER B 8 -18.84 2.93 0.92
N ILE B 9 -18.50 4.22 0.83
CA ILE B 9 -19.47 5.28 1.10
C ILE B 9 -19.64 5.99 -0.22
N VAL B 10 -20.89 6.23 -0.61
CA VAL B 10 -21.18 6.96 -1.84
C VAL B 10 -20.93 8.44 -1.54
N PRO B 11 -19.95 9.08 -2.21
CA PRO B 11 -19.65 10.49 -1.98
C PRO B 11 -20.85 11.38 -2.33
N ARG B 12 -20.77 12.65 -1.90
CA ARG B 12 -21.81 13.66 -2.18
C ARG B 12 -21.93 13.86 -3.69
N ARG B 13 -20.81 14.23 -4.32
CA ARG B 13 -20.75 14.41 -5.76
C ARG B 13 -21.50 13.30 -6.49
N GLU B 14 -21.39 12.05 -6.04
CA GLU B 14 -22.06 10.96 -6.77
C GLU B 14 -23.61 10.94 -6.73
N TRP B 15 -24.22 11.36 -5.61
CA TRP B 15 -25.68 11.38 -5.49
C TRP B 15 -26.27 12.76 -5.81
N ARG B 16 -25.46 13.55 -6.51
CA ARG B 16 -25.79 14.89 -7.04
C ARG B 16 -26.36 15.87 -6.01
N ALA B 17 -25.72 15.94 -4.85
CA ALA B 17 -26.12 16.79 -3.72
C ALA B 17 -25.79 18.28 -3.91
N LEU B 18 -26.48 19.14 -3.16
CA LEU B 18 -26.17 20.57 -3.23
C LEU B 18 -25.00 20.77 -2.26
N ALA B 19 -24.36 21.92 -2.30
CA ALA B 19 -23.23 22.12 -1.40
C ALA B 19 -23.67 22.37 0.05
N SER B 20 -23.05 21.67 0.98
CA SER B 20 -23.33 21.88 2.39
C SER B 20 -22.80 23.27 2.67
N GLU B 21 -23.47 23.98 3.56
CA GLU B 21 -23.03 25.30 3.97
C GLU B 21 -22.84 25.25 5.48
N CYS B 22 -22.49 24.07 5.99
CA CYS B 22 -22.34 23.93 7.42
C CYS B 22 -20.90 24.15 7.85
N ARG B 23 -20.77 25.01 8.86
CA ARG B 23 -19.51 25.46 9.40
C ARG B 23 -19.15 24.86 10.77
N GLU B 24 -20.12 24.26 11.49
CA GLU B 24 -19.88 23.68 12.84
C GLU B 24 -19.12 22.34 12.81
N ARG B 25 -18.01 22.27 13.54
CA ARG B 25 -17.18 21.05 13.62
C ARG B 25 -17.62 20.09 14.74
N LEU B 26 -17.18 18.85 14.62
CA LEU B 26 -17.52 17.82 15.59
C LEU B 26 -16.22 17.53 16.32
N THR B 27 -16.24 17.84 17.61
CA THR B 27 -15.12 17.61 18.51
C THR B 27 -14.89 16.09 18.53
N ARG B 28 -13.89 15.63 17.76
CA ARG B 28 -13.49 14.20 17.64
C ARG B 28 -12.62 13.81 18.85
N PRO B 29 -12.79 12.58 19.41
CA PRO B 29 -13.65 11.51 18.91
C PRO B 29 -15.05 11.45 19.51
N VAL B 30 -15.98 10.97 18.69
CA VAL B 30 -17.38 10.87 19.06
C VAL B 30 -17.65 9.58 19.83
N ARG B 31 -18.43 9.74 20.90
CA ARG B 31 -18.76 8.67 21.81
C ARG B 31 -20.02 7.94 21.43
N TYR B 32 -21.07 8.72 21.18
CA TYR B 32 -22.38 8.19 20.87
C TYR B 32 -22.71 8.12 19.38
N VAL B 33 -23.60 7.22 19.03
CA VAL B 33 -23.98 7.09 17.66
C VAL B 33 -25.48 6.84 17.76
N VAL B 34 -26.25 7.81 17.26
CA VAL B 34 -27.70 7.72 17.33
C VAL B 34 -28.23 7.21 16.01
N VAL B 35 -29.08 6.21 16.10
CA VAL B 35 -29.62 5.58 14.93
C VAL B 35 -31.04 6.09 14.73
N SER B 36 -31.41 6.54 13.52
CA SER B 36 -32.80 7.04 13.26
C SER B 36 -33.38 6.48 11.95
N HIS B 37 -34.61 6.86 11.58
CA HIS B 37 -35.13 6.56 10.22
C HIS B 37 -35.69 7.86 9.61
N THR B 38 -35.78 7.93 8.29
CA THR B 38 -36.29 9.17 7.71
C THR B 38 -37.81 9.19 7.72
N ALA B 39 -38.41 8.06 8.10
CA ALA B 39 -39.85 7.91 8.00
C ALA B 39 -40.32 8.28 6.57
N GLY B 40 -39.39 8.50 5.63
CA GLY B 40 -39.78 8.81 4.26
C GLY B 40 -39.87 7.55 3.40
N SER B 41 -39.88 7.70 2.07
CA SER B 41 -39.93 6.57 1.10
C SER B 41 -38.67 5.68 1.16
N HIS B 42 -38.78 4.37 0.85
CA HIS B 42 -37.58 3.52 0.81
C HIS B 42 -37.19 3.12 -0.64
N CYS B 43 -35.99 2.55 -0.83
CA CYS B 43 -35.48 2.24 -2.19
C CYS B 43 -34.57 1.02 -2.18
N ASP B 44 -34.61 0.18 -3.21
CA ASP B 44 -33.72 -0.97 -3.24
C ASP B 44 -32.64 -0.97 -4.31
N THR B 45 -32.46 0.13 -5.01
CA THR B 45 -31.41 0.18 -6.03
C THR B 45 -30.52 1.40 -5.84
N PRO B 46 -29.24 1.32 -6.26
CA PRO B 46 -28.33 2.46 -6.10
C PRO B 46 -28.93 3.66 -6.80
N ALA B 47 -29.55 3.38 -7.94
CA ALA B 47 -30.17 4.39 -8.78
C ALA B 47 -31.26 5.16 -8.04
N SER B 48 -32.17 4.43 -7.42
CA SER B 48 -33.27 5.08 -6.73
C SER B 48 -32.99 5.68 -5.34
N CYS B 49 -31.89 5.31 -4.71
CA CYS B 49 -31.55 5.88 -3.40
C CYS B 49 -30.77 7.18 -3.58
N ALA B 50 -30.06 7.27 -4.69
CA ALA B 50 -29.37 8.51 -4.95
C ALA B 50 -30.47 9.56 -5.19
N GLN B 51 -31.63 9.16 -5.72
CA GLN B 51 -32.70 10.16 -5.88
C GLN B 51 -33.32 10.42 -4.50
N GLN B 52 -33.41 9.36 -3.72
CA GLN B 52 -34.03 9.45 -2.42
C GLN B 52 -33.19 10.28 -1.45
N ALA B 53 -31.87 10.24 -1.61
CA ALA B 53 -31.03 11.04 -0.76
C ALA B 53 -31.31 12.47 -1.18
N GLN B 54 -31.29 12.74 -2.48
CA GLN B 54 -31.58 14.08 -2.96
C GLN B 54 -32.88 14.58 -2.33
N ASN B 55 -33.91 13.75 -2.40
CA ASN B 55 -35.22 14.10 -1.84
C ASN B 55 -35.03 14.49 -0.38
N VAL B 56 -34.43 13.61 0.43
CA VAL B 56 -34.27 13.96 1.83
C VAL B 56 -33.52 15.28 2.04
N GLN B 57 -32.44 15.49 1.30
CA GLN B 57 -31.63 16.70 1.48
C GLN B 57 -32.27 17.99 1.00
N SER B 58 -33.01 17.96 -0.10
CA SER B 58 -33.60 19.21 -0.55
C SER B 58 -34.69 19.64 0.41
N TYR B 59 -35.35 18.67 1.01
CA TYR B 59 -36.38 18.99 1.95
C TYR B 59 -35.78 19.70 3.16
N HIS B 60 -34.58 19.27 3.57
CA HIS B 60 -33.88 19.89 4.69
C HIS B 60 -33.32 21.27 4.36
N VAL B 61 -32.86 21.42 3.11
CA VAL B 61 -32.26 22.67 2.66
C VAL B 61 -33.28 23.68 2.08
N ARG B 62 -33.99 23.31 1.02
CA ARG B 62 -34.97 24.25 0.47
C ARG B 62 -36.11 24.54 1.49
N ASN B 63 -36.75 23.52 2.05
CA ASN B 63 -37.88 23.82 2.93
C ASN B 63 -37.59 24.18 4.38
N LEU B 64 -36.94 23.33 5.18
CA LEU B 64 -36.67 23.64 6.62
C LEU B 64 -35.53 24.64 6.88
N GLY B 65 -34.85 25.05 5.81
CA GLY B 65 -33.82 26.06 5.91
C GLY B 65 -32.53 25.78 6.65
N TRP B 66 -32.10 24.54 6.62
CA TRP B 66 -30.86 24.17 7.28
C TRP B 66 -29.79 24.25 6.22
N CYS B 67 -28.54 24.14 6.64
CA CYS B 67 -27.38 24.23 5.78
C CYS B 67 -27.12 22.92 5.03
N ASP B 68 -27.65 21.80 5.53
CA ASP B 68 -27.45 20.55 4.84
C ASP B 68 -28.35 19.44 5.37
N VAL B 69 -28.41 18.36 4.62
CA VAL B 69 -29.15 17.18 5.03
C VAL B 69 -28.71 17.01 6.48
N GLY B 70 -29.68 16.97 7.39
CA GLY B 70 -29.39 16.88 8.81
C GLY B 70 -28.63 15.67 9.37
N TYR B 71 -28.59 14.56 8.63
CA TYR B 71 -27.85 13.39 9.11
C TYR B 71 -26.41 13.36 8.64
N ASN B 72 -25.58 12.63 9.39
CA ASN B 72 -24.18 12.48 9.05
C ASN B 72 -24.06 11.45 7.94
N PHE B 73 -24.84 10.39 8.02
CA PHE B 73 -24.85 9.40 6.96
C PHE B 73 -26.23 8.81 6.85
N LEU B 74 -26.66 8.61 5.59
CA LEU B 74 -27.96 8.01 5.25
C LEU B 74 -27.70 6.59 4.73
N ILE B 75 -28.55 5.64 5.10
CA ILE B 75 -28.34 4.25 4.69
C ILE B 75 -29.45 3.68 3.81
N GLY B 76 -29.10 3.09 2.66
CA GLY B 76 -30.12 2.56 1.74
C GLY B 76 -30.28 1.04 1.79
N GLU B 77 -31.49 0.54 1.51
CA GLU B 77 -31.74 -0.90 1.49
C GLU B 77 -31.11 -1.48 0.23
N ASP B 78 -30.52 -0.60 -0.57
CA ASP B 78 -29.82 -1.04 -1.75
C ASP B 78 -28.48 -1.50 -1.21
N GLY B 79 -28.28 -1.31 0.08
CA GLY B 79 -27.06 -1.76 0.71
C GLY B 79 -25.88 -0.82 0.77
N LEU B 80 -26.08 0.43 0.39
CA LEU B 80 -24.99 1.41 0.40
C LEU B 80 -25.19 2.54 1.41
N VAL B 81 -24.08 3.14 1.84
CA VAL B 81 -24.14 4.29 2.75
C VAL B 81 -23.99 5.56 1.93
N TYR B 82 -24.94 6.47 2.07
CA TYR B 82 -24.87 7.73 1.36
C TYR B 82 -24.32 8.73 2.35
N GLU B 83 -23.32 9.48 1.89
CA GLU B 83 -22.63 10.45 2.71
C GLU B 83 -23.39 11.78 2.80
N GLY B 84 -23.65 12.17 4.04
CA GLY B 84 -24.38 13.39 4.28
C GLY B 84 -23.42 14.42 4.80
N ARG B 85 -23.40 14.61 6.12
CA ARG B 85 -22.50 15.59 6.66
C ARG B 85 -21.15 14.94 6.96
N GLY B 86 -21.08 13.62 6.88
CA GLY B 86 -19.81 12.93 7.08
C GLY B 86 -19.32 12.92 8.53
N TRP B 87 -18.04 12.62 8.73
CA TRP B 87 -17.48 12.49 10.08
C TRP B 87 -17.08 13.75 10.79
N ASN B 88 -17.09 14.87 10.08
CA ASN B 88 -16.57 16.07 10.68
C ASN B 88 -17.45 17.26 10.92
N ILE B 89 -18.49 17.38 10.11
CA ILE B 89 -19.41 18.47 10.27
C ILE B 89 -20.48 17.98 11.27
N LYS B 90 -20.84 18.81 12.26
CA LYS B 90 -21.84 18.43 13.28
C LYS B 90 -23.30 18.21 12.80
N GLY B 91 -23.90 17.09 13.20
CA GLY B 91 -25.27 16.76 12.78
C GLY B 91 -26.43 17.60 13.31
N ALA B 92 -27.62 17.39 12.75
CA ALA B 92 -28.84 18.11 13.14
C ALA B 92 -29.90 17.02 13.09
N HIS B 93 -29.70 16.02 13.96
CA HIS B 93 -30.51 14.82 13.94
C HIS B 93 -31.22 14.44 15.23
N ALA B 94 -30.77 15.02 16.33
CA ALA B 94 -31.31 14.61 17.61
C ALA B 94 -31.53 15.68 18.68
N GLY B 95 -31.45 16.96 18.29
CA GLY B 95 -31.68 17.97 19.31
C GLY B 95 -30.38 18.52 19.84
N PRO B 96 -30.44 19.71 20.47
CA PRO B 96 -29.24 20.38 20.98
C PRO B 96 -28.41 19.60 21.96
N THR B 97 -29.07 18.72 22.70
CA THR B 97 -28.36 17.90 23.69
C THR B 97 -27.41 16.91 23.03
N TRP B 98 -27.83 16.28 21.94
CA TRP B 98 -26.97 15.26 21.35
C TRP B 98 -26.22 15.61 20.07
N ASN B 99 -26.78 16.55 19.30
CA ASN B 99 -26.17 16.93 18.04
C ASN B 99 -24.65 17.19 18.18
N PRO B 100 -24.22 18.00 19.18
CA PRO B 100 -22.76 18.22 19.28
C PRO B 100 -21.94 17.04 19.79
N ILE B 101 -22.57 16.07 20.42
CA ILE B 101 -21.79 14.98 21.00
C ILE B 101 -21.80 13.62 20.27
N SER B 102 -22.75 13.40 19.35
CA SER B 102 -22.95 12.13 18.61
C SER B 102 -23.14 12.22 17.09
N ILE B 103 -22.88 11.11 16.40
CA ILE B 103 -23.06 10.94 14.92
C ILE B 103 -24.45 10.35 14.60
N GLY B 104 -25.12 10.86 13.59
CA GLY B 104 -26.41 10.29 13.31
C GLY B 104 -26.44 9.53 12.01
N ILE B 105 -26.70 8.23 12.05
CA ILE B 105 -26.84 7.48 10.81
C ILE B 105 -28.30 7.12 10.79
N SER B 106 -28.92 7.38 9.66
CA SER B 106 -30.34 7.18 9.49
C SER B 106 -30.68 6.25 8.36
N PHE B 107 -31.58 5.31 8.62
CA PHE B 107 -32.01 4.38 7.58
C PHE B 107 -33.13 5.00 6.82
N MET B 108 -33.00 4.95 5.51
CA MET B 108 -33.91 5.54 4.57
C MET B 108 -35.19 4.75 4.30
N GLY B 109 -36.27 5.10 5.00
CA GLY B 109 -37.56 4.44 4.83
C GLY B 109 -38.35 4.53 6.13
N ASN B 110 -39.47 3.81 6.25
CA ASN B 110 -40.22 3.83 7.51
C ASN B 110 -40.15 2.44 8.09
N TYR B 111 -39.67 2.30 9.32
CA TYR B 111 -39.59 0.94 9.84
C TYR B 111 -40.49 0.55 11.03
N MET B 112 -41.78 0.84 10.88
CA MET B 112 -42.75 0.49 11.92
C MET B 112 -43.23 -0.94 11.64
N ASN B 113 -43.67 -1.28 10.43
CA ASN B 113 -44.02 -2.69 10.17
C ASN B 113 -43.30 -3.17 8.89
N ARG B 114 -41.98 -2.87 8.86
CA ARG B 114 -41.05 -3.26 7.79
C ARG B 114 -39.68 -3.36 8.41
N VAL B 115 -38.98 -4.42 8.07
CA VAL B 115 -37.66 -4.57 8.60
C VAL B 115 -36.73 -4.25 7.46
N PRO B 116 -35.55 -3.72 7.76
CA PRO B 116 -34.57 -3.41 6.72
C PRO B 116 -33.84 -4.70 6.43
N PRO B 117 -33.40 -4.90 5.18
CA PRO B 117 -32.68 -6.10 4.71
C PRO B 117 -31.38 -6.23 5.45
N PRO B 118 -30.81 -7.43 5.43
CA PRO B 118 -29.55 -7.62 6.13
C PRO B 118 -28.44 -6.80 5.45
N ARG B 119 -28.51 -6.68 4.13
CA ARG B 119 -27.49 -5.90 3.42
C ARG B 119 -27.39 -4.45 3.92
N ALA B 120 -28.45 -3.87 4.47
CA ALA B 120 -28.29 -2.51 4.97
C ALA B 120 -27.88 -2.46 6.44
N LEU B 121 -28.01 -3.58 7.15
CA LEU B 121 -27.63 -3.61 8.57
C LEU B 121 -26.14 -3.87 8.55
N ARG B 122 -25.76 -4.68 7.58
CA ARG B 122 -24.37 -4.98 7.34
C ARG B 122 -23.67 -3.64 7.02
N ALA B 123 -24.21 -2.91 6.04
CA ALA B 123 -23.69 -1.58 5.65
C ALA B 123 -23.42 -0.67 6.85
N ALA B 124 -24.44 -0.47 7.68
CA ALA B 124 -24.35 0.38 8.87
C ALA B 124 -23.22 -0.04 9.80
N GLN B 125 -23.26 -1.28 10.31
CA GLN B 125 -22.16 -1.81 11.15
C GLN B 125 -20.78 -1.57 10.46
N ASN B 126 -20.63 -1.96 9.20
CA ASN B 126 -19.39 -1.72 8.46
C ASN B 126 -19.08 -0.20 8.40
N LEU B 127 -20.07 0.69 8.55
CA LEU B 127 -19.77 2.15 8.52
C LEU B 127 -19.02 2.52 9.79
N LEU B 128 -19.49 1.94 10.90
CA LEU B 128 -18.92 2.16 12.23
C LEU B 128 -17.53 1.56 12.36
N ALA B 129 -17.31 0.44 11.70
CA ALA B 129 -16.00 -0.17 11.74
C ALA B 129 -15.01 0.83 11.18
N CYS B 130 -15.39 1.47 10.07
CA CYS B 130 -14.49 2.43 9.46
C CYS B 130 -14.48 3.69 10.28
N GLY B 131 -15.56 3.93 11.03
CA GLY B 131 -15.61 5.09 11.91
C GLY B 131 -14.38 5.12 12.80
N VAL B 132 -14.20 4.03 13.58
CA VAL B 132 -13.06 3.80 14.48
C VAL B 132 -11.75 3.88 13.65
N ALA B 133 -11.64 3.09 12.59
CA ALA B 133 -10.44 3.12 11.75
C ALA B 133 -9.88 4.53 11.57
N LEU B 134 -10.73 5.47 11.16
CA LEU B 134 -10.37 6.89 10.95
C LEU B 134 -10.24 7.69 12.28
N GLY B 135 -10.80 7.18 13.37
CA GLY B 135 -10.68 7.86 14.66
C GLY B 135 -11.71 8.93 14.96
N ALA B 136 -12.81 8.94 14.18
CA ALA B 136 -13.91 9.88 14.37
C ALA B 136 -14.77 9.32 15.47
N LEU B 137 -14.69 8.00 15.61
CA LEU B 137 -15.39 7.24 16.63
C LEU B 137 -14.38 6.54 17.56
N ARG B 138 -14.72 6.54 18.85
CA ARG B 138 -13.95 5.90 19.91
C ARG B 138 -14.30 4.42 19.90
N SER B 139 -13.28 3.58 19.77
CA SER B 139 -13.40 2.12 19.78
C SER B 139 -14.53 1.69 20.71
N ASN B 140 -14.61 2.37 21.84
CA ASN B 140 -15.65 2.09 22.79
C ASN B 140 -16.82 3.05 22.53
N TYR B 141 -17.39 3.06 21.32
CA TYR B 141 -18.52 3.96 21.03
C TYR B 141 -19.86 3.37 21.53
N GLU B 142 -20.83 4.22 21.87
CA GLU B 142 -22.12 3.73 22.40
C GLU B 142 -23.29 4.00 21.40
N VAL B 143 -24.18 3.02 21.19
CA VAL B 143 -25.27 3.16 20.20
C VAL B 143 -26.71 3.31 20.76
N LYS B 144 -27.21 4.54 20.79
CA LYS B 144 -28.55 4.78 21.34
C LYS B 144 -29.56 4.85 20.20
N GLY B 145 -30.83 4.52 20.47
CA GLY B 145 -31.88 4.64 19.46
C GLY B 145 -32.34 6.09 19.47
N HIS B 146 -33.14 6.53 18.46
CA HIS B 146 -33.63 7.94 18.43
C HIS B 146 -34.61 8.11 19.58
N ARG B 147 -35.37 7.02 19.81
CA ARG B 147 -36.31 6.89 20.89
C ARG B 147 -35.51 7.29 22.13
N ASP B 148 -34.47 6.53 22.43
CA ASP B 148 -33.62 6.82 23.59
C ASP B 148 -33.23 8.29 23.79
N VAL B 149 -33.31 9.14 22.77
CA VAL B 149 -32.85 10.49 23.06
C VAL B 149 -33.83 11.62 22.87
N GLN B 150 -35.02 11.28 22.43
CA GLN B 150 -35.94 12.33 22.09
C GLN B 150 -37.30 11.68 21.98
N PRO B 151 -38.36 12.39 22.36
CA PRO B 151 -39.75 11.92 22.30
C PRO B 151 -40.08 11.60 20.87
N THR B 152 -39.61 10.46 20.38
CA THR B 152 -39.88 10.12 19.00
C THR B 152 -40.13 8.65 18.67
N LEU B 153 -41.01 8.48 17.69
CA LEU B 153 -41.41 7.19 17.18
C LEU B 153 -40.24 6.52 16.40
N SER B 154 -39.44 7.29 15.66
CA SER B 154 -38.25 6.79 14.91
C SER B 154 -37.23 6.12 15.86
N PRO B 155 -36.39 5.16 15.39
CA PRO B 155 -36.16 4.58 14.05
C PRO B 155 -37.29 3.68 13.55
N GLY B 156 -38.18 3.60 14.52
CA GLY B 156 -39.26 2.74 14.03
C GLY B 156 -39.32 1.48 14.87
N ASP B 157 -40.48 0.93 15.18
CA ASP B 157 -40.70 -0.23 16.07
C ASP B 157 -39.70 -1.43 15.78
N ARG B 158 -39.84 -2.05 14.58
CA ARG B 158 -39.10 -3.21 13.98
C ARG B 158 -37.55 -3.08 13.85
N LEU B 159 -37.01 -1.86 13.95
CA LEU B 159 -35.57 -1.60 13.79
C LEU B 159 -34.99 -1.27 15.16
N TYR B 160 -35.87 -0.79 16.03
CA TYR B 160 -35.52 -0.50 17.42
C TYR B 160 -35.50 -1.90 18.06
N GLU B 161 -36.19 -2.86 17.44
CA GLU B 161 -36.16 -4.24 17.91
C GLU B 161 -34.72 -4.75 17.66
N ILE B 162 -34.20 -4.54 16.43
CA ILE B 162 -32.86 -5.02 16.07
C ILE B 162 -31.63 -4.25 16.59
N ILE B 163 -31.60 -2.93 16.49
CA ILE B 163 -30.44 -2.20 17.00
C ILE B 163 -30.16 -2.56 18.47
N GLN B 164 -31.21 -3.03 19.16
CA GLN B 164 -31.06 -3.45 20.56
C GLN B 164 -30.13 -4.67 20.63
N THR B 165 -30.19 -5.54 19.61
CA THR B 165 -29.30 -6.70 19.52
C THR B 165 -27.82 -6.28 19.41
N TRP B 166 -27.53 -5.12 18.81
CA TRP B 166 -26.12 -4.70 18.58
C TRP B 166 -25.19 -4.54 19.78
N SER B 167 -24.06 -5.25 19.73
CA SER B 167 -23.08 -5.22 20.80
C SER B 167 -22.91 -3.86 21.48
N HIS B 168 -22.57 -2.79 20.77
CA HIS B 168 -22.43 -1.50 21.49
C HIS B 168 -23.70 -0.74 21.99
N TYR B 169 -24.93 -1.30 21.84
CA TYR B 169 -26.14 -0.59 22.30
C TYR B 169 -26.29 -0.35 23.82
N ARG B 170 -26.14 0.90 24.28
CA ARG B 170 -26.31 1.22 25.70
C ARG B 170 -27.77 1.48 26.04
N ALA B 171 -28.14 1.16 27.28
CA ALA B 171 -29.51 1.43 27.67
C ALA B 171 -29.42 2.81 28.29
N GLU C 1 24.44 -27.22 -25.85
CA GLU C 1 25.42 -27.63 -26.84
C GLU C 1 26.81 -27.27 -26.40
N ASP C 2 27.74 -28.20 -26.39
CA ASP C 2 29.08 -27.79 -25.97
C ASP C 2 29.00 -27.48 -24.48
N PRO C 3 28.52 -28.46 -23.65
CA PRO C 3 28.44 -28.19 -22.19
C PRO C 3 29.09 -26.88 -21.69
N PRO C 4 28.26 -25.86 -21.34
CA PRO C 4 28.55 -24.51 -20.83
C PRO C 4 29.68 -24.52 -19.83
N ALA C 5 29.75 -25.57 -19.01
CA ALA C 5 30.96 -25.69 -18.23
C ALA C 5 31.25 -24.62 -17.21
N CYS C 6 30.22 -24.07 -16.56
CA CYS C 6 30.49 -22.97 -15.65
C CYS C 6 29.85 -23.02 -14.27
N GLY C 7 28.91 -23.96 -14.11
CA GLY C 7 28.20 -24.18 -12.86
C GLY C 7 28.93 -24.72 -11.64
N SER C 8 29.37 -23.80 -10.79
CA SER C 8 30.05 -24.09 -9.54
C SER C 8 29.24 -23.25 -8.57
N ILE C 9 27.95 -23.12 -8.89
CA ILE C 9 27.00 -22.36 -8.09
C ILE C 9 26.37 -23.27 -7.05
N VAL C 10 26.22 -22.75 -5.83
CA VAL C 10 25.60 -23.52 -4.74
C VAL C 10 24.11 -23.33 -4.96
N PRO C 11 23.36 -24.42 -5.11
CA PRO C 11 21.91 -24.32 -5.33
C PRO C 11 21.11 -23.78 -4.14
N ARG C 12 19.96 -23.16 -4.42
CA ARG C 12 19.05 -22.70 -3.38
C ARG C 12 18.88 -23.85 -2.35
N ARG C 13 18.76 -25.07 -2.87
CA ARG C 13 18.63 -26.32 -2.09
C ARG C 13 19.81 -26.52 -1.09
N GLU C 14 21.03 -26.57 -1.61
CA GLU C 14 22.24 -26.78 -0.79
C GLU C 14 22.47 -25.82 0.37
N TRP C 15 22.00 -24.56 0.26
CA TRP C 15 22.19 -23.60 1.34
C TRP C 15 20.93 -23.37 2.14
N ARG C 16 19.88 -24.10 1.76
CA ARG C 16 18.62 -24.09 2.48
C ARG C 16 17.78 -22.80 2.41
N ALA C 17 17.52 -22.29 1.20
CA ALA C 17 16.76 -21.06 1.04
C ALA C 17 15.29 -21.29 1.37
N LEU C 18 14.60 -20.25 1.85
CA LEU C 18 13.17 -20.37 2.05
C LEU C 18 12.69 -20.41 0.60
N ALA C 19 11.47 -20.89 0.38
CA ALA C 19 10.96 -20.96 -1.00
C ALA C 19 10.64 -19.57 -1.48
N SER C 20 11.02 -19.27 -2.71
CA SER C 20 10.77 -17.95 -3.28
C SER C 20 9.32 -17.79 -3.71
N GLU C 21 8.82 -16.57 -3.75
CA GLU C 21 7.44 -16.35 -4.15
C GLU C 21 7.46 -15.40 -5.32
N CYS C 22 8.64 -15.17 -5.89
CA CYS C 22 8.73 -14.23 -6.99
C CYS C 22 8.41 -14.93 -8.29
N ARG C 23 7.83 -14.20 -9.22
CA ARG C 23 7.39 -14.77 -10.47
C ARG C 23 7.65 -13.91 -11.70
N GLU C 24 7.99 -12.63 -11.49
CA GLU C 24 8.29 -11.74 -12.63
C GLU C 24 9.63 -12.18 -13.24
N ARG C 25 9.77 -12.17 -14.57
CA ARG C 25 11.03 -12.65 -15.17
C ARG C 25 11.80 -11.61 -15.94
N LEU C 26 13.05 -11.96 -16.23
CA LEU C 26 13.95 -11.11 -16.99
C LEU C 26 13.93 -11.58 -18.39
N THR C 27 14.26 -10.71 -19.32
CA THR C 27 14.31 -11.15 -20.68
C THR C 27 15.77 -11.51 -20.96
N ARG C 28 16.06 -12.75 -21.35
CA ARG C 28 17.44 -13.04 -21.77
C ARG C 28 17.49 -12.76 -23.29
N PRO C 29 18.66 -12.31 -23.81
CA PRO C 29 19.93 -12.04 -23.14
C PRO C 29 19.79 -10.71 -22.42
N VAL C 30 20.33 -10.67 -21.21
CA VAL C 30 20.30 -9.52 -20.32
C VAL C 30 21.52 -8.65 -20.58
N ARG C 31 21.36 -7.33 -20.54
CA ARG C 31 22.48 -6.41 -20.86
C ARG C 31 23.39 -5.85 -19.73
N TYR C 32 22.89 -5.65 -18.50
CA TYR C 32 23.73 -5.11 -17.44
C TYR C 32 23.88 -6.00 -16.23
N VAL C 33 25.01 -5.87 -15.55
CA VAL C 33 25.27 -6.57 -14.29
C VAL C 33 25.56 -5.44 -13.32
N VAL C 34 24.95 -5.48 -12.13
CA VAL C 34 25.21 -4.44 -11.11
C VAL C 34 25.78 -5.10 -9.84
N VAL C 35 26.97 -4.65 -9.41
CA VAL C 35 27.71 -5.19 -8.26
C VAL C 35 27.48 -4.36 -6.99
N SER C 36 26.94 -4.99 -5.94
CA SER C 36 26.68 -4.36 -4.62
C SER C 36 27.40 -5.19 -3.53
N HIS C 37 27.36 -4.76 -2.25
CA HIS C 37 27.92 -5.60 -1.18
C HIS C 37 26.80 -5.73 -0.17
N THR C 38 26.81 -6.74 0.69
CA THR C 38 25.70 -6.80 1.63
C THR C 38 25.92 -5.82 2.79
N ALA C 39 27.15 -5.32 2.89
CA ALA C 39 27.50 -4.37 3.94
C ALA C 39 27.25 -4.98 5.32
N GLY C 40 27.07 -6.30 5.36
CA GLY C 40 26.89 -7.02 6.62
C GLY C 40 28.21 -7.73 6.91
N SER C 41 28.22 -8.81 7.71
CA SER C 41 29.50 -9.48 7.99
C SER C 41 29.84 -10.51 6.90
N HIS C 42 31.12 -10.82 6.74
CA HIS C 42 31.53 -11.73 5.67
C HIS C 42 31.82 -13.15 6.17
N CYS C 43 31.75 -14.15 5.31
CA CYS C 43 32.07 -15.53 5.74
C CYS C 43 33.22 -16.06 4.88
N ASP C 44 33.92 -17.11 5.37
CA ASP C 44 35.03 -17.72 4.59
C ASP C 44 35.00 -19.26 4.45
N THR C 45 34.06 -19.92 5.13
CA THR C 45 33.97 -21.37 5.00
C THR C 45 32.63 -21.60 4.29
N PRO C 46 32.46 -22.76 3.62
CA PRO C 46 31.17 -22.97 2.95
C PRO C 46 30.08 -23.24 4.00
N ALA C 47 30.49 -23.45 5.24
CA ALA C 47 29.54 -23.69 6.31
C ALA C 47 29.04 -22.35 6.81
N SER C 48 29.96 -21.44 7.02
CA SER C 48 29.60 -20.13 7.54
C SER C 48 28.85 -19.27 6.55
N CYS C 49 29.05 -19.53 5.28
CA CYS C 49 28.36 -18.78 4.24
C CYS C 49 26.90 -19.23 4.09
N ALA C 50 26.65 -20.54 4.01
CA ALA C 50 25.25 -21.00 3.91
C ALA C 50 24.44 -20.36 5.05
N GLN C 51 25.12 -20.04 6.15
CA GLN C 51 24.49 -19.35 7.25
C GLN C 51 24.25 -17.94 6.78
N GLN C 52 25.30 -17.26 6.32
CA GLN C 52 25.09 -15.89 5.90
C GLN C 52 24.03 -15.75 4.83
N ALA C 53 24.03 -16.62 3.82
CA ALA C 53 23.03 -16.47 2.77
C ALA C 53 21.60 -16.68 3.29
N GLN C 54 21.43 -17.58 4.25
CA GLN C 54 20.11 -17.79 4.83
C GLN C 54 19.76 -16.51 5.58
N ASN C 55 20.73 -15.95 6.30
CA ASN C 55 20.45 -14.73 7.04
C ASN C 55 20.06 -13.57 6.11
N VAL C 56 20.90 -13.22 5.14
CA VAL C 56 20.51 -12.13 4.27
C VAL C 56 19.08 -12.30 3.77
N GLN C 57 18.75 -13.49 3.27
CA GLN C 57 17.42 -13.79 2.75
C GLN C 57 16.32 -13.57 3.79
N SER C 58 16.65 -13.82 5.05
CA SER C 58 15.71 -13.66 6.15
C SER C 58 15.37 -12.20 6.30
N TYR C 59 16.39 -11.37 6.22
CA TYR C 59 16.19 -9.96 6.36
C TYR C 59 15.44 -9.43 5.16
N HIS C 60 15.53 -10.11 4.03
CA HIS C 60 14.79 -9.63 2.85
C HIS C 60 13.34 -10.07 2.88
N VAL C 61 13.07 -11.33 3.25
CA VAL C 61 11.69 -11.78 3.26
C VAL C 61 10.93 -11.63 4.57
N ARG C 62 11.62 -11.63 5.70
CA ARG C 62 10.89 -11.46 6.96
C ARG C 62 10.74 -9.99 7.38
N ASN C 63 11.78 -9.19 7.18
CA ASN C 63 11.70 -7.80 7.57
C ASN C 63 11.05 -6.91 6.53
N LEU C 64 11.65 -6.85 5.35
CA LEU C 64 11.11 -6.04 4.28
C LEU C 64 9.89 -6.68 3.66
N GLY C 65 9.66 -7.97 3.94
CA GLY C 65 8.48 -8.64 3.40
C GLY C 65 8.48 -8.89 1.90
N TRP C 66 9.70 -9.02 1.37
CA TRP C 66 10.02 -9.27 -0.04
C TRP C 66 9.72 -10.71 -0.48
N CYS C 67 9.58 -10.98 -1.77
CA CYS C 67 9.25 -12.36 -2.18
C CYS C 67 10.43 -13.34 -2.06
N ASP C 68 11.64 -12.79 -2.01
CA ASP C 68 12.85 -13.57 -1.90
C ASP C 68 13.99 -12.60 -1.89
N VAL C 69 15.16 -13.05 -1.42
CA VAL C 69 16.36 -12.24 -1.41
C VAL C 69 16.32 -11.45 -2.71
N GLY C 70 16.71 -10.19 -2.67
CA GLY C 70 16.59 -9.41 -3.87
C GLY C 70 17.67 -9.54 -4.91
N TYR C 71 18.79 -10.19 -4.57
CA TYR C 71 19.91 -10.30 -5.50
C TYR C 71 19.78 -11.56 -6.35
N ASN C 72 20.37 -11.55 -7.53
CA ASN C 72 20.32 -12.72 -8.41
C ASN C 72 21.33 -13.78 -7.96
N PHE C 73 22.50 -13.34 -7.51
CA PHE C 73 23.53 -14.24 -7.00
C PHE C 73 24.25 -13.56 -5.86
N LEU C 74 25.06 -14.33 -5.12
CA LEU C 74 25.80 -13.78 -3.99
C LEU C 74 27.16 -14.40 -3.96
N ILE C 75 28.19 -13.57 -3.94
CA ILE C 75 29.54 -14.10 -3.91
C ILE C 75 29.99 -14.15 -2.46
N GLY C 76 30.67 -15.23 -2.08
CA GLY C 76 31.17 -15.37 -0.72
C GLY C 76 32.71 -15.34 -0.64
N GLU C 77 33.24 -14.96 0.52
CA GLU C 77 34.69 -14.91 0.71
C GLU C 77 35.20 -16.34 0.82
N ASP C 78 34.30 -17.29 0.59
CA ASP C 78 34.61 -18.72 0.64
C ASP C 78 35.06 -19.19 -0.74
N GLY C 79 34.82 -18.33 -1.74
CA GLY C 79 35.21 -18.59 -3.13
C GLY C 79 34.11 -19.12 -4.03
N LEU C 80 32.98 -19.38 -3.40
CA LEU C 80 31.79 -19.97 -3.97
C LEU C 80 30.64 -19.04 -4.34
N VAL C 81 29.95 -19.32 -5.43
CA VAL C 81 28.82 -18.50 -5.84
C VAL C 81 27.47 -19.08 -5.38
N TYR C 82 26.66 -18.25 -4.71
CA TYR C 82 25.35 -18.68 -4.18
C TYR C 82 24.12 -18.24 -4.95
N GLU C 83 23.34 -19.22 -5.38
CA GLU C 83 22.15 -18.95 -6.15
C GLU C 83 21.17 -18.11 -5.34
N GLY C 84 20.71 -17.03 -5.96
CA GLY C 84 19.75 -16.16 -5.31
C GLY C 84 18.52 -16.34 -6.12
N ARG C 85 18.17 -15.32 -6.88
CA ARG C 85 17.00 -15.44 -7.71
C ARG C 85 17.34 -16.03 -9.07
N GLY C 86 18.63 -16.29 -9.30
CA GLY C 86 19.04 -16.90 -10.54
C GLY C 86 19.08 -16.01 -11.78
N TRP C 87 19.42 -16.66 -12.88
CA TRP C 87 19.54 -16.03 -14.17
C TRP C 87 18.26 -15.54 -14.77
N ASN C 88 17.13 -16.12 -14.38
CA ASN C 88 15.85 -15.80 -15.04
C ASN C 88 14.83 -14.87 -14.43
N ILE C 89 14.63 -15.02 -13.13
CA ILE C 89 13.66 -14.22 -12.41
C ILE C 89 14.26 -12.86 -12.08
N LYS C 90 13.44 -11.81 -12.20
CA LYS C 90 13.89 -10.44 -11.95
C LYS C 90 14.18 -10.14 -10.49
N GLY C 91 15.40 -9.66 -10.24
CA GLY C 91 15.82 -9.33 -8.88
C GLY C 91 15.14 -8.08 -8.36
N ALA C 92 15.63 -7.60 -7.23
CA ALA C 92 15.07 -6.42 -6.62
C ALA C 92 16.26 -5.95 -5.82
N HIS C 93 17.16 -5.26 -6.52
CA HIS C 93 18.43 -4.86 -5.95
C HIS C 93 18.97 -3.46 -6.33
N ALA C 94 18.28 -2.75 -7.22
CA ALA C 94 18.72 -1.42 -7.65
C ALA C 94 17.69 -0.40 -8.22
N GLY C 95 16.42 -0.49 -7.82
CA GLY C 95 15.46 0.51 -8.33
C GLY C 95 14.59 0.11 -9.53
N PRO C 96 13.42 0.77 -9.73
CA PRO C 96 12.59 0.34 -10.86
C PRO C 96 13.15 0.47 -12.28
N THR C 97 14.21 1.26 -12.45
CA THR C 97 14.86 1.45 -13.75
C THR C 97 15.82 0.34 -14.13
N TRP C 98 16.67 -0.07 -13.18
CA TRP C 98 17.64 -1.14 -13.49
C TRP C 98 17.13 -2.53 -13.16
N ASN C 99 16.34 -2.65 -12.11
CA ASN C 99 15.80 -3.94 -11.77
C ASN C 99 15.32 -4.80 -12.96
N PRO C 100 14.51 -4.22 -13.87
CA PRO C 100 14.01 -5.00 -15.02
C PRO C 100 15.02 -5.37 -16.11
N ILE C 101 16.20 -4.75 -16.09
CA ILE C 101 17.19 -4.99 -17.13
C ILE C 101 18.59 -5.32 -16.63
N SER C 102 18.72 -6.15 -15.59
CA SER C 102 20.07 -6.43 -15.09
C SER C 102 20.15 -7.51 -14.02
N ILE C 103 21.35 -8.08 -13.89
CA ILE C 103 21.63 -9.12 -12.88
C ILE C 103 22.20 -8.45 -11.65
N GLY C 104 21.85 -8.98 -10.48
CA GLY C 104 22.38 -8.35 -9.28
C GLY C 104 23.28 -9.26 -8.49
N ILE C 105 24.58 -9.30 -8.82
CA ILE C 105 25.48 -10.12 -8.01
C ILE C 105 25.96 -9.21 -6.89
N SER C 106 25.94 -9.75 -5.68
CA SER C 106 26.34 -8.99 -4.53
C SER C 106 27.29 -9.79 -3.68
N PHE C 107 28.39 -9.14 -3.32
CA PHE C 107 29.37 -9.75 -2.43
C PHE C 107 28.91 -9.67 -0.97
N MET C 108 29.01 -10.80 -0.31
CA MET C 108 28.60 -10.88 1.05
C MET C 108 29.64 -10.39 2.07
N GLY C 109 29.55 -9.12 2.43
CA GLY C 109 30.45 -8.54 3.42
C GLY C 109 30.45 -7.02 3.33
N ASN C 110 31.33 -6.35 4.09
CA ASN C 110 31.44 -4.88 4.06
C ASN C 110 32.81 -4.44 3.53
N TYR C 111 32.82 -4.07 2.26
CA TYR C 111 34.06 -3.73 1.59
C TYR C 111 34.40 -2.23 1.48
N MET C 112 34.11 -1.49 2.56
CA MET C 112 34.41 -0.07 2.68
C MET C 112 35.93 -0.01 2.90
N ASN C 113 36.45 -0.66 3.94
CA ASN C 113 37.92 -0.68 4.14
C ASN C 113 38.52 -2.09 4.21
N ARG C 114 38.09 -2.92 3.27
CA ARG C 114 38.54 -4.31 3.06
C ARG C 114 38.60 -4.58 1.55
N VAL C 115 39.30 -5.65 1.14
CA VAL C 115 39.28 -6.06 -0.27
C VAL C 115 38.81 -7.49 -0.23
N PRO C 116 37.94 -7.87 -1.17
CA PRO C 116 37.46 -9.24 -1.19
C PRO C 116 38.61 -10.14 -1.67
N PRO C 117 38.83 -11.27 -0.98
CA PRO C 117 39.87 -12.26 -1.28
C PRO C 117 39.89 -12.52 -2.76
N PRO C 118 41.05 -12.91 -3.31
CA PRO C 118 41.10 -13.16 -4.75
C PRO C 118 40.12 -14.29 -5.17
N ARG C 119 40.05 -15.36 -4.37
CA ARG C 119 39.13 -16.44 -4.69
C ARG C 119 37.66 -16.00 -4.94
N ALA C 120 37.25 -14.84 -4.42
CA ALA C 120 35.89 -14.31 -4.62
C ALA C 120 35.82 -13.49 -5.91
N LEU C 121 36.87 -12.73 -6.11
CA LEU C 121 36.97 -11.98 -7.31
C LEU C 121 36.98 -12.87 -8.44
N ARG C 122 37.57 -13.98 -8.17
CA ARG C 122 37.64 -14.88 -9.25
C ARG C 122 36.30 -15.60 -9.51
N ALA C 123 35.59 -16.04 -8.44
CA ALA C 123 34.28 -16.63 -8.60
C ALA C 123 33.33 -15.70 -9.34
N ALA C 124 33.41 -14.39 -9.06
CA ALA C 124 32.55 -13.42 -9.72
C ALA C 124 32.81 -13.37 -11.24
N GLN C 125 34.03 -13.03 -11.67
CA GLN C 125 34.38 -12.95 -13.11
C GLN C 125 33.99 -14.29 -13.77
N ASN C 126 34.13 -15.36 -13.01
CA ASN C 126 33.76 -16.70 -13.47
C ASN C 126 32.26 -16.76 -13.79
N LEU C 127 31.44 -16.30 -12.85
CA LEU C 127 29.95 -16.23 -12.94
C LEU C 127 29.51 -15.53 -14.18
N LEU C 128 30.00 -14.32 -14.32
CA LEU C 128 29.69 -13.53 -15.49
C LEU C 128 30.11 -14.31 -16.71
N ALA C 129 31.26 -14.98 -16.63
CA ALA C 129 31.76 -15.76 -17.76
C ALA C 129 30.69 -16.79 -18.20
N CYS C 130 30.17 -17.48 -17.18
CA CYS C 130 29.10 -18.47 -17.28
C CYS C 130 27.87 -17.87 -17.91
N GLY C 131 27.47 -16.70 -17.42
CA GLY C 131 26.27 -16.07 -17.92
C GLY C 131 26.36 -15.85 -19.42
N VAL C 132 27.55 -15.49 -19.90
CA VAL C 132 27.67 -15.26 -21.32
C VAL C 132 27.47 -16.59 -22.00
N ALA C 133 28.12 -17.63 -21.49
CA ALA C 133 28.00 -18.92 -22.15
C ALA C 133 26.59 -19.56 -22.14
N LEU C 134 25.78 -19.33 -21.11
CA LEU C 134 24.43 -19.93 -21.07
C LEU C 134 23.54 -19.09 -21.98
N GLY C 135 23.96 -17.83 -22.13
CA GLY C 135 23.26 -16.91 -22.99
C GLY C 135 22.40 -15.96 -22.20
N ALA C 136 22.60 -15.89 -20.89
CA ALA C 136 21.76 -15.03 -20.07
C ALA C 136 22.23 -13.60 -20.01
N LEU C 137 23.52 -13.39 -20.25
CA LEU C 137 24.12 -12.07 -20.31
C LEU C 137 24.55 -11.97 -21.74
N ARG C 138 24.49 -10.76 -22.28
CA ARG C 138 24.98 -10.52 -23.62
C ARG C 138 26.50 -10.69 -23.68
N SER C 139 27.02 -11.26 -24.76
CA SER C 139 28.45 -11.44 -24.89
C SER C 139 29.10 -10.15 -24.42
N ASN C 140 28.55 -9.02 -24.84
CA ASN C 140 29.13 -7.74 -24.44
C ASN C 140 28.34 -6.91 -23.38
N TYR C 141 28.06 -7.54 -22.24
CA TYR C 141 27.38 -6.89 -21.15
C TYR C 141 28.24 -5.78 -20.54
N GLU C 142 27.57 -4.94 -19.76
CA GLU C 142 28.14 -3.78 -19.08
C GLU C 142 28.06 -3.95 -17.56
N VAL C 143 29.17 -3.77 -16.87
CA VAL C 143 29.12 -3.90 -15.41
C VAL C 143 28.93 -2.50 -14.88
N LYS C 144 28.32 -2.41 -13.71
CA LYS C 144 28.09 -1.12 -13.10
C LYS C 144 28.17 -1.26 -11.57
N GLY C 145 28.43 -0.16 -10.88
CA GLY C 145 28.51 -0.22 -9.43
C GLY C 145 27.13 0.11 -8.89
N HIS C 146 26.81 -0.39 -7.69
CA HIS C 146 25.51 -0.15 -7.08
C HIS C 146 25.38 1.37 -6.97
N ARG C 147 26.38 2.01 -6.35
CA ARG C 147 26.43 3.46 -6.20
C ARG C 147 26.29 4.22 -7.56
N ASP C 148 26.66 3.57 -8.67
CA ASP C 148 26.55 4.18 -10.00
C ASP C 148 25.08 4.46 -10.37
N VAL C 149 24.16 3.69 -9.78
CA VAL C 149 22.74 3.83 -10.07
C VAL C 149 21.83 4.19 -8.86
N GLN C 150 22.40 4.27 -7.65
CA GLN C 150 21.62 4.60 -6.44
C GLN C 150 22.46 5.38 -5.47
N PRO C 151 21.83 6.23 -4.63
CA PRO C 151 22.70 6.95 -3.71
C PRO C 151 23.08 6.05 -2.54
N THR C 152 24.11 5.26 -2.78
CA THR C 152 24.62 4.41 -1.75
C THR C 152 26.10 4.37 -1.92
N LEU C 153 26.70 3.78 -0.89
CA LEU C 153 28.13 3.54 -0.76
C LEU C 153 28.48 2.16 -1.35
N SER C 154 27.51 1.24 -1.42
CA SER C 154 27.75 -0.07 -2.05
C SER C 154 28.48 0.21 -3.35
N PRO C 155 29.33 -0.72 -3.82
CA PRO C 155 29.64 -2.02 -3.21
C PRO C 155 30.80 -1.96 -2.24
N GLY C 156 31.08 -0.78 -1.71
CA GLY C 156 32.24 -0.67 -0.86
C GLY C 156 33.21 0.15 -1.69
N ASP C 157 34.00 0.95 -0.97
CA ASP C 157 34.96 1.88 -1.56
C ASP C 157 36.07 1.17 -2.35
N ARG C 158 36.75 0.21 -1.71
CA ARG C 158 37.86 -0.52 -2.34
C ARG C 158 37.44 -1.51 -3.43
N LEU C 159 36.27 -2.14 -3.28
CA LEU C 159 35.77 -3.08 -4.28
C LEU C 159 35.29 -2.28 -5.48
N TYR C 160 34.65 -1.15 -5.23
CA TYR C 160 34.19 -0.29 -6.31
C TYR C 160 35.42 0.10 -7.15
N GLU C 161 36.55 0.31 -6.45
CA GLU C 161 37.84 0.64 -7.07
C GLU C 161 38.31 -0.45 -8.04
N ILE C 162 38.14 -1.70 -7.61
CA ILE C 162 38.51 -2.87 -8.41
C ILE C 162 37.61 -3.06 -9.62
N ILE C 163 36.30 -2.86 -9.47
CA ILE C 163 35.47 -3.14 -10.63
C ILE C 163 35.53 -2.12 -11.76
N GLN C 164 36.03 -0.92 -11.45
CA GLN C 164 36.22 0.16 -12.42
C GLN C 164 37.36 -0.24 -13.38
N THR C 165 38.10 -1.26 -12.94
CA THR C 165 39.24 -1.88 -13.62
C THR C 165 38.77 -2.87 -14.68
N TRP C 166 37.75 -3.63 -14.31
CA TRP C 166 37.19 -4.68 -15.14
C TRP C 166 36.93 -4.24 -16.58
N SER C 167 37.17 -5.17 -17.49
CA SER C 167 36.99 -4.84 -18.90
C SER C 167 35.56 -4.51 -19.34
N HIS C 168 34.53 -5.05 -18.69
CA HIS C 168 33.13 -4.75 -19.10
C HIS C 168 32.47 -3.59 -18.35
N TYR C 169 33.27 -2.83 -17.62
CA TYR C 169 32.76 -1.68 -16.88
C TYR C 169 32.39 -0.56 -17.83
N ARG C 170 31.43 0.26 -17.43
CA ARG C 170 31.02 1.43 -18.21
C ARG C 170 30.46 2.42 -17.20
N ALA C 171 30.87 3.69 -17.33
CA ALA C 171 30.47 4.76 -16.40
C ALA C 171 29.06 4.60 -15.87
N GLU D 1 -2.86 31.04 19.48
CA GLU D 1 -3.76 30.52 18.41
C GLU D 1 -3.23 29.27 17.68
N ASP D 2 -3.41 29.26 16.36
CA ASP D 2 -3.16 28.07 15.58
C ASP D 2 -2.71 28.21 14.09
N PRO D 3 -2.36 29.43 13.62
CA PRO D 3 -1.92 29.44 12.18
C PRO D 3 -0.73 28.49 11.85
N PRO D 4 -0.34 28.35 10.56
CA PRO D 4 0.78 27.51 10.12
C PRO D 4 1.78 27.34 11.23
N ALA D 5 2.37 28.47 11.63
CA ALA D 5 3.32 28.49 12.72
C ALA D 5 4.46 27.50 12.53
N CYS D 6 4.82 27.24 11.28
CA CYS D 6 5.86 26.26 10.93
C CYS D 6 7.24 26.58 11.35
N GLY D 7 8.12 25.62 11.12
CA GLY D 7 9.51 25.78 11.49
C GLY D 7 10.26 26.63 10.47
N SER D 8 11.58 26.50 10.50
CA SER D 8 12.42 27.23 9.57
C SER D 8 13.22 26.31 8.70
N ILE D 9 12.86 26.36 7.45
CA ILE D 9 13.43 25.52 6.45
C ILE D 9 14.25 26.43 5.56
N VAL D 10 15.54 26.15 5.40
CA VAL D 10 16.35 27.00 4.50
C VAL D 10 15.79 26.73 3.12
N PRO D 11 15.36 27.79 2.41
CA PRO D 11 14.82 27.48 1.08
C PRO D 11 15.88 27.15 0.03
N ARG D 12 15.46 26.48 -1.04
CA ARG D 12 16.37 26.04 -2.09
C ARG D 12 17.31 27.16 -2.53
N ARG D 13 16.71 28.30 -2.89
CA ARG D 13 17.43 29.46 -3.34
C ARG D 13 18.62 29.80 -2.44
N GLU D 14 18.41 29.82 -1.12
CA GLU D 14 19.51 30.18 -0.21
C GLU D 14 20.73 29.28 -0.30
N TRP D 15 20.53 27.98 -0.61
CA TRP D 15 21.67 27.09 -0.74
C TRP D 15 22.04 26.85 -2.19
N ARG D 16 21.44 27.68 -3.04
CA ARG D 16 21.72 27.67 -4.48
C ARG D 16 21.45 26.39 -5.27
N ALA D 17 20.38 25.68 -4.94
CA ALA D 17 20.08 24.45 -5.64
C ALA D 17 19.93 24.62 -7.16
N LEU D 18 20.16 23.54 -7.89
CA LEU D 18 19.93 23.52 -9.32
C LEU D 18 18.41 23.42 -9.51
N ALA D 19 17.91 23.87 -10.66
CA ALA D 19 16.49 23.80 -11.02
C ALA D 19 15.88 22.39 -10.86
N SER D 20 14.82 22.25 -10.07
CA SER D 20 14.17 20.95 -9.90
C SER D 20 13.40 20.64 -11.19
N GLU D 21 13.57 19.44 -11.75
CA GLU D 21 12.81 19.12 -12.97
C GLU D 21 11.72 18.09 -12.64
N CYS D 22 11.57 17.73 -11.37
CA CYS D 22 10.56 16.74 -10.99
C CYS D 22 9.10 17.27 -11.12
N ARG D 23 8.20 16.38 -11.54
CA ARG D 23 6.80 16.74 -11.75
C ARG D 23 5.76 15.91 -10.95
N GLU D 24 6.10 14.72 -10.44
CA GLU D 24 5.11 13.89 -9.71
C GLU D 24 4.71 14.41 -8.35
N ARG D 25 3.48 14.15 -8.05
CA ARG D 25 2.97 14.71 -6.88
C ARG D 25 2.63 13.74 -5.77
N LEU D 26 3.02 14.11 -4.57
CA LEU D 26 2.62 13.30 -3.44
C LEU D 26 1.20 13.76 -3.23
N THR D 27 0.36 12.92 -2.64
CA THR D 27 -1.00 13.38 -2.38
C THR D 27 -1.14 13.54 -0.86
N ARG D 28 -1.13 14.78 -0.38
CA ARG D 28 -1.27 15.03 1.05
C ARG D 28 -2.71 14.78 1.57
N PRO D 29 -2.85 14.48 2.86
CA PRO D 29 -1.81 14.24 3.88
C PRO D 29 -1.11 12.89 3.73
N VAL D 30 0.22 12.90 3.91
CA VAL D 30 1.12 11.73 3.83
C VAL D 30 1.16 10.94 5.16
N ARG D 31 0.98 9.61 5.12
CA ARG D 31 0.99 8.75 6.34
C ARG D 31 2.36 8.33 6.90
N TYR D 32 3.33 8.15 6.02
CA TYR D 32 4.67 7.65 6.40
C TYR D 32 5.85 8.64 6.34
N VAL D 33 6.86 8.48 7.19
CA VAL D 33 8.08 9.29 7.05
C VAL D 33 9.23 8.31 7.20
N VAL D 34 10.24 8.41 6.33
CA VAL D 34 11.39 7.51 6.36
C VAL D 34 12.65 8.30 6.75
N VAL D 35 13.38 7.85 7.77
CA VAL D 35 14.55 8.60 8.12
C VAL D 35 15.77 7.90 7.59
N SER D 36 16.53 8.60 6.75
CA SER D 36 17.76 8.12 6.13
C SER D 36 18.91 8.94 6.64
N HIS D 37 20.11 8.60 6.19
CA HIS D 37 21.27 9.42 6.42
C HIS D 37 22.00 9.41 5.08
N THR D 38 22.68 10.51 4.73
CA THR D 38 23.36 10.59 3.42
C THR D 38 24.56 9.70 3.39
N ALA D 39 24.96 9.31 4.59
CA ALA D 39 26.10 8.46 4.77
C ALA D 39 27.38 9.04 4.19
N GLY D 40 27.42 10.37 4.04
CA GLY D 40 28.59 11.12 3.56
C GLY D 40 29.14 11.97 4.72
N SER D 41 29.86 13.05 4.44
CA SER D 41 30.39 13.86 5.55
C SER D 41 29.36 14.81 6.15
N HIS D 42 29.46 15.04 7.45
CA HIS D 42 28.57 15.98 8.12
C HIS D 42 29.02 17.46 7.93
N CYS D 43 28.35 18.37 8.66
CA CYS D 43 28.61 19.83 8.65
C CYS D 43 27.99 20.46 9.91
N ASP D 44 28.52 21.64 10.29
CA ASP D 44 28.05 22.38 11.47
C ASP D 44 28.05 23.92 11.33
N THR D 45 28.05 24.44 10.10
CA THR D 45 27.87 25.90 9.89
C THR D 45 26.81 26.02 8.80
N PRO D 46 25.98 27.05 8.87
CA PRO D 46 24.96 27.15 7.83
C PRO D 46 25.57 27.30 6.47
N ALA D 47 26.84 27.70 6.50
CA ALA D 47 27.64 28.02 5.32
C ALA D 47 28.29 26.80 4.69
N SER D 48 28.72 25.89 5.58
CA SER D 48 29.36 24.66 5.21
C SER D 48 28.29 23.62 4.87
N CYS D 49 27.13 23.66 5.54
CA CYS D 49 26.02 22.73 5.24
C CYS D 49 25.36 23.05 3.91
N ALA D 50 25.42 24.31 3.49
CA ALA D 50 24.84 24.70 2.23
C ALA D 50 25.75 24.12 1.15
N GLN D 51 27.03 23.97 1.49
CA GLN D 51 27.99 23.38 0.57
C GLN D 51 27.54 21.92 0.37
N GLN D 52 27.42 21.15 1.46
CA GLN D 52 26.99 19.74 1.41
C GLN D 52 25.71 19.48 0.63
N ALA D 53 24.70 20.29 0.90
CA ALA D 53 23.43 20.13 0.25
C ALA D 53 23.58 20.16 -1.27
N GLN D 54 24.50 20.95 -1.81
CA GLN D 54 24.67 20.96 -3.27
C GLN D 54 25.41 19.72 -3.75
N ASN D 55 26.32 19.23 -2.93
CA ASN D 55 27.05 18.04 -3.29
C ASN D 55 26.01 16.98 -3.50
N VAL D 56 25.42 16.55 -2.40
CA VAL D 56 24.37 15.57 -2.48
C VAL D 56 23.49 15.90 -3.68
N GLN D 57 22.96 17.11 -3.78
CA GLN D 57 22.12 17.38 -4.93
C GLN D 57 22.86 17.14 -6.27
N SER D 58 24.12 17.53 -6.47
CA SER D 58 24.68 17.24 -7.80
C SER D 58 24.94 15.76 -8.11
N TYR D 59 25.27 15.00 -7.07
CA TYR D 59 25.53 13.58 -7.27
C TYR D 59 24.21 12.97 -7.72
N HIS D 60 23.12 13.43 -7.13
CA HIS D 60 21.80 12.92 -7.45
C HIS D 60 21.27 13.38 -8.81
N VAL D 61 21.62 14.59 -9.23
CA VAL D 61 21.10 15.07 -10.49
C VAL D 61 21.97 14.79 -11.72
N ARG D 62 23.28 14.99 -11.64
CA ARG D 62 24.10 14.69 -12.81
C ARG D 62 24.75 13.30 -12.85
N ASN D 63 24.97 12.64 -11.71
CA ASN D 63 25.52 11.29 -11.82
C ASN D 63 24.41 10.28 -12.08
N LEU D 64 23.36 10.34 -11.27
CA LEU D 64 22.29 9.37 -11.43
C LEU D 64 21.24 9.88 -12.40
N GLY D 65 21.47 11.08 -12.91
CA GLY D 65 20.52 11.65 -13.84
C GLY D 65 19.11 11.72 -13.31
N TRP D 66 18.99 12.12 -12.04
CA TRP D 66 17.68 12.30 -11.40
C TRP D 66 17.27 13.75 -11.49
N CYS D 67 15.97 13.99 -11.33
CA CYS D 67 15.39 15.32 -11.47
C CYS D 67 15.52 16.27 -10.27
N ASP D 68 16.12 15.81 -9.20
CA ASP D 68 16.33 16.68 -8.06
C ASP D 68 16.93 15.78 -7.02
N VAL D 69 17.48 16.39 -5.98
CA VAL D 69 18.05 15.61 -4.92
C VAL D 69 16.91 14.67 -4.50
N GLY D 70 17.28 13.42 -4.20
CA GLY D 70 16.29 12.43 -3.87
C GLY D 70 15.42 12.73 -2.67
N TYR D 71 16.00 13.35 -1.63
CA TYR D 71 15.29 13.62 -0.37
C TYR D 71 14.35 14.81 -0.38
N ASN D 72 13.31 14.73 0.43
CA ASN D 72 12.36 15.82 0.47
C ASN D 72 12.94 16.93 1.31
N PHE D 73 13.53 16.54 2.44
CA PHE D 73 14.16 17.47 3.37
C PHE D 73 15.51 16.92 3.84
N LEU D 74 16.44 17.82 4.12
CA LEU D 74 17.77 17.44 4.64
C LEU D 74 18.01 18.18 5.95
N ILE D 75 18.28 17.39 6.98
CA ILE D 75 18.55 17.93 8.30
C ILE D 75 20.05 18.17 8.35
N GLY D 76 20.48 19.25 8.99
CA GLY D 76 21.89 19.57 9.02
C GLY D 76 22.36 19.65 10.44
N GLU D 77 23.65 19.46 10.70
CA GLU D 77 24.09 19.56 12.07
C GLU D 77 24.23 21.04 12.50
N ASP D 78 24.06 21.96 11.55
CA ASP D 78 24.13 23.39 11.86
C ASP D 78 22.88 23.77 12.61
N GLY D 79 21.91 22.86 12.53
CA GLY D 79 20.64 23.03 13.22
C GLY D 79 19.54 23.53 12.31
N LEU D 80 19.80 23.54 11.01
CA LEU D 80 18.80 23.99 10.05
C LEU D 80 18.30 22.81 9.22
N VAL D 81 17.08 22.94 8.73
CA VAL D 81 16.45 21.95 7.88
C VAL D 81 16.56 22.49 6.48
N TYR D 82 17.20 21.72 5.62
CA TYR D 82 17.39 22.11 4.24
C TYR D 82 16.36 21.50 3.29
N GLU D 83 15.57 22.36 2.66
CA GLU D 83 14.57 21.93 1.72
C GLU D 83 15.15 21.10 0.58
N GLY D 84 14.66 19.88 0.43
CA GLY D 84 15.05 19.03 -0.67
C GLY D 84 13.88 19.30 -1.60
N ARG D 85 13.17 18.28 -2.06
CA ARG D 85 12.07 18.56 -2.96
C ARG D 85 10.72 18.90 -2.31
N GLY D 86 10.74 19.18 -1.00
CA GLY D 86 9.53 19.63 -0.30
C GLY D 86 8.43 18.68 0.19
N TRP D 87 7.25 19.25 0.48
CA TRP D 87 6.10 18.48 0.98
C TRP D 87 5.18 17.92 -0.09
N ASN D 88 5.35 18.38 -1.32
CA ASN D 88 4.42 18.02 -2.39
C ASN D 88 4.84 17.07 -3.53
N ILE D 89 6.15 16.89 -3.68
CA ILE D 89 6.74 16.14 -4.77
C ILE D 89 7.29 14.79 -4.37
N LYS D 90 6.82 13.74 -5.05
CA LYS D 90 7.28 12.37 -4.83
C LYS D 90 8.79 12.38 -4.83
N GLY D 91 9.38 11.90 -3.73
CA GLY D 91 10.84 11.86 -3.65
C GLY D 91 11.38 10.51 -4.06
N ALA D 92 12.68 10.42 -4.29
CA ALA D 92 13.30 9.14 -4.64
C ALA D 92 14.19 8.79 -3.44
N HIS D 93 13.72 7.96 -2.53
CA HIS D 93 14.56 7.70 -1.36
C HIS D 93 14.44 6.30 -0.74
N ALA D 94 13.41 5.54 -1.13
CA ALA D 94 13.24 4.18 -0.62
C ALA D 94 12.33 3.24 -1.45
N GLY D 95 12.71 3.08 -2.71
CA GLY D 95 11.99 2.17 -3.60
C GLY D 95 10.54 2.49 -3.92
N PRO D 96 10.11 2.08 -5.13
CA PRO D 96 8.77 2.30 -5.67
C PRO D 96 7.53 1.98 -4.81
N THR D 97 7.71 1.26 -3.70
CA THR D 97 6.62 0.87 -2.77
C THR D 97 6.34 2.02 -1.80
N TRP D 98 7.42 2.62 -1.31
CA TRP D 98 7.32 3.70 -0.33
C TRP D 98 7.49 5.14 -0.87
N ASN D 99 8.29 5.37 -1.93
CA ASN D 99 8.41 6.74 -2.43
C ASN D 99 7.09 7.51 -2.64
N PRO D 100 6.07 6.87 -3.23
CA PRO D 100 4.82 7.58 -3.46
C PRO D 100 3.92 7.77 -2.24
N ILE D 101 4.10 6.98 -1.17
CA ILE D 101 3.29 7.17 0.04
C ILE D 101 4.02 7.76 1.24
N SER D 102 5.19 8.39 1.03
CA SER D 102 5.98 8.88 2.16
C SER D 102 6.83 10.11 1.86
N ILE D 103 7.41 10.69 2.92
CA ILE D 103 8.25 11.87 2.81
C ILE D 103 9.67 11.51 3.31
N GLY D 104 10.69 11.86 2.55
CA GLY D 104 12.03 11.46 2.93
C GLY D 104 12.93 12.47 3.58
N ILE D 105 13.17 12.35 4.88
CA ILE D 105 14.09 13.26 5.54
C ILE D 105 15.36 12.45 5.85
N SER D 106 16.47 13.06 5.45
CA SER D 106 17.80 12.45 5.54
C SER D 106 18.72 13.37 6.31
N PHE D 107 19.41 12.81 7.31
CA PHE D 107 20.37 13.56 8.11
C PHE D 107 21.70 13.59 7.40
N MET D 108 22.17 14.79 7.16
CA MET D 108 23.38 14.95 6.40
C MET D 108 24.64 14.51 7.10
N GLY D 109 25.07 13.29 6.79
CA GLY D 109 26.29 12.78 7.40
C GLY D 109 26.19 11.27 7.52
N ASN D 110 26.98 10.67 8.39
CA ASN D 110 26.99 9.22 8.52
C ASN D 110 26.97 8.89 10.03
N TYR D 111 25.94 8.19 10.47
CA TYR D 111 25.77 7.95 11.89
C TYR D 111 25.85 6.51 12.37
N MET D 112 26.87 5.80 11.91
CA MET D 112 27.09 4.40 12.32
C MET D 112 27.45 4.35 13.78
N ASN D 113 28.43 5.16 14.14
CA ASN D 113 29.01 5.22 15.46
C ASN D 113 29.15 6.68 15.91
N ARG D 114 28.21 7.52 15.49
CA ARG D 114 28.18 8.97 15.81
C ARG D 114 26.74 9.45 16.00
N VAL D 115 26.43 10.11 17.11
CA VAL D 115 25.06 10.62 17.26
C VAL D 115 24.91 12.03 16.74
N PRO D 116 23.72 12.36 16.21
CA PRO D 116 23.57 13.72 15.72
C PRO D 116 23.38 14.60 16.95
N PRO D 117 23.82 15.88 16.87
CA PRO D 117 23.74 16.90 17.92
C PRO D 117 22.26 17.07 18.30
N PRO D 118 21.96 17.58 19.51
CA PRO D 118 20.53 17.76 19.84
C PRO D 118 19.90 18.73 18.83
N ARG D 119 20.65 19.78 18.50
CA ARG D 119 20.25 20.74 17.49
C ARG D 119 19.48 19.99 16.41
N ALA D 120 20.22 19.17 15.67
CA ALA D 120 19.68 18.33 14.61
C ALA D 120 18.36 17.65 14.99
N LEU D 121 18.39 16.78 15.99
CA LEU D 121 17.21 16.06 16.42
C LEU D 121 15.98 16.98 16.64
N ARG D 122 16.23 18.19 17.11
CA ARG D 122 15.16 19.15 17.36
C ARG D 122 14.64 19.72 16.03
N ALA D 123 15.54 19.88 15.07
CA ALA D 123 15.22 20.47 13.77
C ALA D 123 14.26 19.56 13.05
N ALA D 124 14.57 18.27 13.10
CA ALA D 124 13.78 17.26 12.42
C ALA D 124 12.42 17.02 13.08
N GLN D 125 12.32 17.15 14.40
CA GLN D 125 11.03 16.98 15.05
C GLN D 125 10.15 18.21 14.85
N ASN D 126 10.79 19.37 14.79
CA ASN D 126 10.08 20.62 14.52
C ASN D 126 9.54 20.49 13.10
N LEU D 127 10.37 19.98 12.19
CA LEU D 127 9.93 19.80 10.80
C LEU D 127 8.68 18.94 10.71
N LEU D 128 8.65 17.88 11.49
CA LEU D 128 7.52 16.99 11.49
C LEU D 128 6.34 17.66 12.13
N ALA D 129 6.61 18.46 13.15
CA ALA D 129 5.53 19.12 13.85
C ALA D 129 4.85 20.04 12.87
N CYS D 130 5.68 20.89 12.28
CA CYS D 130 5.25 21.84 11.30
C CYS D 130 4.39 21.13 10.25
N GLY D 131 4.89 19.98 9.79
CA GLY D 131 4.26 19.17 8.74
C GLY D 131 2.85 18.64 8.95
N VAL D 132 2.44 18.58 10.21
CA VAL D 132 1.11 18.14 10.57
C VAL D 132 0.30 19.44 10.59
N ALA D 133 0.94 20.48 11.11
CA ALA D 133 0.32 21.79 11.20
C ALA D 133 -0.11 22.21 9.84
N LEU D 134 0.54 21.72 8.80
CA LEU D 134 0.17 22.19 7.47
C LEU D 134 -0.72 21.27 6.67
N GLY D 135 -1.07 20.12 7.24
CA GLY D 135 -1.92 19.18 6.51
C GLY D 135 -1.07 18.34 5.56
N ALA D 136 0.23 18.57 5.54
CA ALA D 136 1.08 17.80 4.67
C ALA D 136 1.27 16.38 5.22
N LEU D 137 1.37 16.26 6.54
CA LEU D 137 1.52 14.94 7.15
C LEU D 137 0.21 14.60 7.87
N ARG D 138 -0.15 13.32 7.89
CA ARG D 138 -1.38 12.90 8.56
C ARG D 138 -1.10 13.01 10.05
N SER D 139 -2.09 13.37 10.87
CA SER D 139 -1.81 13.49 12.30
C SER D 139 -1.20 12.21 12.90
N ASN D 140 -1.77 11.05 12.62
CA ASN D 140 -1.21 9.81 13.15
C ASN D 140 -0.14 9.17 12.26
N TYR D 141 0.74 9.99 11.69
CA TYR D 141 1.79 9.49 10.78
C TYR D 141 2.75 8.51 11.46
N GLU D 142 3.42 7.65 10.69
CA GLU D 142 4.36 6.68 11.26
C GLU D 142 5.74 6.96 10.73
N VAL D 143 6.73 6.75 11.56
CA VAL D 143 8.09 7.03 11.17
C VAL D 143 8.76 5.69 11.07
N LYS D 144 9.50 5.46 9.99
CA LYS D 144 10.21 4.22 9.85
C LYS D 144 11.63 4.53 9.56
N GLY D 145 12.49 3.58 9.93
CA GLY D 145 13.90 3.71 9.66
C GLY D 145 14.07 3.30 8.21
N HIS D 146 15.13 3.79 7.59
CA HIS D 146 15.38 3.49 6.19
C HIS D 146 15.51 1.97 5.96
N ARG D 147 16.31 1.34 6.82
CA ARG D 147 16.63 -0.09 6.78
C ARG D 147 15.42 -0.95 7.06
N ASP D 148 14.44 -0.34 7.72
CA ASP D 148 13.16 -0.96 8.05
C ASP D 148 12.39 -1.26 6.78
N VAL D 149 12.77 -0.62 5.67
CA VAL D 149 12.07 -0.81 4.41
C VAL D 149 12.94 -1.01 3.18
N GLN D 150 14.25 -1.16 3.37
CA GLN D 150 15.16 -1.42 2.26
C GLN D 150 16.44 -2.01 2.79
N PRO D 151 17.09 -2.90 2.01
CA PRO D 151 18.31 -3.49 2.54
C PRO D 151 19.38 -2.43 2.51
N THR D 152 19.59 -1.84 3.68
CA THR D 152 20.54 -0.77 3.83
C THR D 152 20.86 -0.64 5.31
N LEU D 153 22.02 -0.06 5.58
CA LEU D 153 22.52 0.15 6.93
C LEU D 153 21.90 1.42 7.50
N SER D 154 21.54 2.31 6.58
CA SER D 154 20.94 3.60 6.87
C SER D 154 19.68 3.47 7.72
N PRO D 155 19.48 4.40 8.66
CA PRO D 155 20.23 5.65 8.92
C PRO D 155 21.51 5.56 9.77
N GLY D 156 21.87 4.37 10.25
CA GLY D 156 23.07 4.23 11.04
C GLY D 156 22.59 3.67 12.34
N ASP D 157 23.32 2.75 12.96
CA ASP D 157 22.83 2.10 14.18
C ASP D 157 22.53 3.10 15.28
N ARG D 158 23.34 4.14 15.37
CA ARG D 158 23.14 5.16 16.38
C ARG D 158 21.88 5.96 16.19
N LEU D 159 21.69 6.47 14.98
CA LEU D 159 20.52 7.27 14.73
C LEU D 159 19.26 6.42 14.74
N TYR D 160 19.43 5.14 14.40
CA TYR D 160 18.32 4.22 14.33
C TYR D 160 17.77 3.99 15.72
N GLU D 161 18.67 3.99 16.70
CA GLU D 161 18.26 3.80 18.07
C GLU D 161 17.50 5.01 18.57
N ILE D 162 17.99 6.19 18.19
CA ILE D 162 17.36 7.45 18.60
C ILE D 162 15.91 7.52 18.15
N ILE D 163 15.68 7.05 16.92
CA ILE D 163 14.34 7.18 16.34
C ILE D 163 13.31 6.11 16.70
N GLN D 164 13.73 4.99 17.28
CA GLN D 164 12.75 3.97 17.71
C GLN D 164 12.18 4.55 18.98
N THR D 165 12.90 5.54 19.49
CA THR D 165 12.51 6.21 20.71
C THR D 165 11.28 7.07 20.54
N TRP D 166 11.20 7.69 19.36
CA TRP D 166 10.13 8.59 18.91
C TRP D 166 8.73 7.98 18.94
N SER D 167 7.70 8.76 19.26
CA SER D 167 6.32 8.25 19.16
C SER D 167 6.11 8.48 17.66
N HIS D 168 5.24 7.71 17.02
CA HIS D 168 5.06 7.80 15.56
C HIS D 168 6.04 6.78 14.93
N TYR D 169 6.94 6.17 15.72
CA TYR D 169 7.81 5.14 15.15
C TYR D 169 7.02 3.82 15.26
N ARG D 170 6.90 3.12 14.13
CA ARG D 170 6.12 1.89 14.09
C ARG D 170 6.83 0.79 13.25
N ALA D 171 6.86 -0.44 13.78
CA ALA D 171 7.65 -1.57 13.21
C ALA D 171 9.03 -1.01 12.92
#